data_7P15
#
_entry.id   7P15
#
_cell.length_a   1.00
_cell.length_b   1.00
_cell.length_c   1.00
_cell.angle_alpha   90.00
_cell.angle_beta   90.00
_cell.angle_gamma   90.00
#
_symmetry.space_group_name_H-M   'P 1'
#
loop_
_entity.id
_entity.type
_entity.pdbx_description
1 polymer 'Reverse transcriptase/ribonuclease H'
2 polymer 'Reverse transcriptase/ribonuclease H'
3 polymer 'DNA (37-MER)'
4 non-polymer (1~{R},2~{R})-~{N}-(1~{H}-pyrazol-4-yl)-2-pyridin-3-yl-cyclopropane-1-carboxamide
#
loop_
_entity_poly.entity_id
_entity_poly.type
_entity_poly.pdbx_seq_one_letter_code
_entity_poly.pdbx_strand_id
1 'polypeptide(L)'
;MVPISPIETVPVKLKPGMDGPKVKQWPLTEEKIKALVEICTEMEKEGKISKIGPENPYNTPVFAIKKKDSTKWRKLVDFR
ELNKRTQDFWEVQLGIPHPAGLKKKKSVTVLDVGDAYFSVPLDEDFRKYTAFTIPSINNETPGIRYQYNVLPQGWKGSPA
IFQSSMTKILEPFKKQNPDIVIYQYMDDLYVGSDLEIGQHRTKIEELRQHLLRWGLTTPDKKHQKEPPFLWMGYELHPDK
WTVQPIVLPEKDSWTVNDIQKLVGKLNWASQIYPGIKVRQLSKLLRGTKALTEVIPLTEEAELELAENREILKEPVHGVY
YDPSKDLIAEIQKQGQGQWTYQIYQEPFKNLKTGKYARMRGAHTNDVKQLTEAVQKITTESIVIWGKTPKFKLPIQKETW
ETWWTEYWQATWIPEWEFVNTPPLVKLWYQLEKEPIVGAETFYVDGAANRETKLGKAGYVTNKGRQKVVPLTNTTNQKTE
LQAIYLALQDSGLEVNIVTNSQYALGIIQAQPDKSESELVNQIIEQLIKKEKVYLAWVPAHKGIGGNEQVDKLVSA
;
A
2 'polypeptide(L)'
;PISPIETVPVKLKPGMDGPKVKQWPLTEEKIKALVEICTEMEKEGKISKIGPENPYNTPVFAIKKKDSTKWRKLVDFREL
NKRTQDFWEVQLGIPHPAGLKKKKSVTVLDVGDAYFSVPLDEDFRKYTAFTIPSINNETPGIRYQYNVLPQGWKGSPAIF
QSSMTKILEPFKKQNPDIVIYQYMDDLYVGSDLEIGQHRTKIEELRQHLLRWGLTTPDKKHQKEPPFLWMGYELHPDKWT
VQPIVLPEKDSWTVNDIQKLVGKLNWASQIYPGIKVRQLSKLLRGTKALTEVIPLTEEAELELAENREILKEPVHGVYYD
PSKDLIAEIQKQGQGQWTYQIYQEPFKNLKTGKYARMRGAHTNDVKQLTEAVQKITTESIVIWGKTPKFKLPIQKETWET
WWTEYWQATWIPEWEFVNTPPLVKLWYQ
;
B
3 'polydeoxyribonucleotide'
;(DT)(DA)(DA)(DT)(DA)(DT)(OMC)(DC)(OMC)(DC)(DC)(DC)(DT)(DT)(DC)(DG)(DG)(DT)(DG)
(DC)(DT)(DT)(DT)(DG)(DC)(DA)(DC)(DC)(DG)(DA)(DA)(DG)(DG)(DG)(DG)(DG)(DG)
;
F
#
loop_
_chem_comp.id
_chem_comp.type
_chem_comp.name
_chem_comp.formula
4OI non-polymer (1~{R},2~{R})-~{N}-(1~{H}-pyrazol-4-yl)-2-pyridin-3-yl-cyclopropane-1-carboxamide 'C12 H12 N4 O'
DA DNA linking 2'-DEOXYADENOSINE-5'-MONOPHOSPHATE 'C10 H14 N5 O6 P'
DC DNA linking 2'-DEOXYCYTIDINE-5'-MONOPHOSPHATE 'C9 H14 N3 O7 P'
DG DNA linking 2'-DEOXYGUANOSINE-5'-MONOPHOSPHATE 'C10 H14 N5 O7 P'
DT DNA linking THYMIDINE-5'-MONOPHOSPHATE 'C10 H15 N2 O8 P'
OMC RNA linking O2'-METHYLYCYTIDINE-5'-MONOPHOSPHATE 'C10 H16 N3 O8 P'
#
# COMPACT_ATOMS: atom_id res chain seq x y z
N PRO A 3 -46.55 19.76 -6.69
CA PRO A 3 -46.29 19.52 -8.12
C PRO A 3 -44.95 18.85 -8.34
N ILE A 4 -43.87 19.61 -8.23
CA ILE A 4 -42.53 19.05 -8.40
C ILE A 4 -42.06 18.41 -7.11
N SER A 5 -41.13 17.46 -7.21
CA SER A 5 -40.58 16.80 -6.03
C SER A 5 -39.25 17.45 -5.66
N PRO A 6 -39.16 18.12 -4.51
CA PRO A 6 -37.90 18.77 -4.12
C PRO A 6 -36.89 17.74 -3.63
N ILE A 7 -35.64 18.21 -3.53
CA ILE A 7 -34.53 17.41 -3.03
C ILE A 7 -33.96 18.10 -1.80
N GLU A 8 -33.89 17.38 -0.70
CA GLU A 8 -33.43 17.95 0.56
C GLU A 8 -31.96 18.34 0.48
N THR A 9 -31.60 19.40 1.19
CA THR A 9 -30.23 19.92 1.17
C THR A 9 -29.32 19.08 2.04
N VAL A 10 -28.03 19.44 2.01
CA VAL A 10 -27.00 18.80 2.82
C VAL A 10 -26.18 19.90 3.46
N PRO A 11 -26.16 20.03 4.78
CA PRO A 11 -25.53 21.19 5.41
C PRO A 11 -24.03 21.24 5.20
N VAL A 12 -23.49 22.46 5.15
CA VAL A 12 -22.07 22.73 5.05
C VAL A 12 -21.76 23.88 5.99
N LYS A 13 -20.47 24.08 6.27
CA LYS A 13 -20.07 25.14 7.19
C LYS A 13 -18.66 25.60 6.84
N LEU A 14 -18.28 26.76 7.36
CA LEU A 14 -16.94 27.26 7.13
C LEU A 14 -15.97 26.68 8.13
N LYS A 15 -14.78 27.25 8.19
CA LYS A 15 -13.80 26.81 9.18
C LYS A 15 -14.03 27.49 10.52
N PRO A 16 -13.92 26.72 11.62
CA PRO A 16 -14.07 27.32 12.94
C PRO A 16 -12.96 28.35 13.20
N GLY A 17 -13.34 29.57 13.58
CA GLY A 17 -12.36 30.60 13.85
C GLY A 17 -12.04 31.41 12.61
N MET A 18 -12.15 30.79 11.44
CA MET A 18 -11.83 31.50 10.20
C MET A 18 -13.09 32.05 9.54
N ASP A 19 -13.01 33.22 8.93
CA ASP A 19 -14.20 33.82 8.34
C ASP A 19 -14.22 33.55 6.83
N GLY A 20 -15.19 34.14 6.13
CA GLY A 20 -15.34 33.87 4.70
C GLY A 20 -14.49 34.67 3.74
N PRO A 21 -14.80 34.58 2.44
CA PRO A 21 -14.00 35.26 1.42
C PRO A 21 -14.31 36.74 1.22
N LYS A 22 -13.33 37.61 1.43
CA LYS A 22 -13.50 39.04 1.20
C LYS A 22 -12.39 39.51 0.24
N VAL A 23 -12.63 39.34 -1.05
CA VAL A 23 -11.68 39.76 -2.10
C VAL A 23 -12.46 40.22 -3.31
N LYS A 24 -11.77 40.91 -4.21
CA LYS A 24 -12.37 41.42 -5.45
C LYS A 24 -11.38 41.19 -6.60
N GLN A 25 -11.91 41.13 -7.82
CA GLN A 25 -11.07 40.93 -8.99
C GLN A 25 -10.72 42.22 -9.67
N TRP A 26 -10.18 42.12 -10.87
CA TRP A 26 -9.82 43.31 -11.64
C TRP A 26 -10.76 43.41 -12.85
N PRO A 27 -10.96 44.62 -13.39
CA PRO A 27 -11.91 44.81 -14.50
C PRO A 27 -11.62 43.99 -15.77
N LEU A 28 -12.67 43.49 -16.43
CA LEU A 28 -12.51 42.70 -17.64
C LEU A 28 -12.89 43.52 -18.87
N THR A 29 -12.90 42.85 -20.02
CA THR A 29 -13.31 43.49 -21.27
C THR A 29 -14.81 43.77 -21.25
N GLU A 30 -15.19 44.89 -21.88
CA GLU A 30 -16.57 45.35 -21.82
C GLU A 30 -17.53 44.34 -22.45
N GLU A 31 -17.13 43.74 -23.56
CA GLU A 31 -17.97 42.74 -24.22
C GLU A 31 -18.19 41.53 -23.32
N LYS A 32 -17.11 41.00 -22.77
CA LYS A 32 -17.22 39.84 -21.90
C LYS A 32 -18.09 40.16 -20.71
N ILE A 33 -17.96 41.38 -20.18
CA ILE A 33 -18.75 41.80 -19.03
C ILE A 33 -20.23 41.85 -19.39
N LYS A 34 -20.56 42.42 -20.56
CA LYS A 34 -21.95 42.50 -20.99
C LYS A 34 -22.55 41.11 -21.18
N ALA A 35 -21.79 40.21 -21.80
CA ALA A 35 -22.28 38.86 -22.05
C ALA A 35 -22.57 38.16 -20.74
N LEU A 36 -21.64 38.27 -19.80
CA LEU A 36 -21.81 37.60 -18.52
C LEU A 36 -23.03 38.15 -17.83
N VAL A 37 -23.24 39.46 -17.94
CA VAL A 37 -24.39 40.08 -17.30
C VAL A 37 -25.68 39.53 -17.89
N GLU A 38 -25.71 39.36 -19.20
CA GLU A 38 -26.89 38.80 -19.83
C GLU A 38 -27.16 37.40 -19.32
N ILE A 39 -26.12 36.58 -19.26
CA ILE A 39 -26.26 35.21 -18.81
C ILE A 39 -26.77 35.22 -17.37
N CYS A 40 -26.21 36.09 -16.54
CA CYS A 40 -26.62 36.08 -15.14
C CYS A 40 -28.06 36.54 -14.98
N THR A 41 -28.49 37.54 -15.76
CA THR A 41 -29.88 37.97 -15.71
C THR A 41 -30.81 36.86 -16.21
N GLU A 42 -30.37 36.13 -17.22
CA GLU A 42 -31.16 35.02 -17.73
C GLU A 42 -31.31 33.95 -16.69
N MET A 43 -30.23 33.63 -15.99
CA MET A 43 -30.31 32.63 -14.92
C MET A 43 -31.15 33.13 -13.75
N GLU A 44 -31.11 34.43 -13.46
CA GLU A 44 -31.97 34.98 -12.41
C GLU A 44 -33.43 34.79 -12.76
N LYS A 45 -33.83 35.21 -13.96
CA LYS A 45 -35.23 35.03 -14.36
C LYS A 45 -35.59 33.56 -14.53
N GLU A 46 -34.59 32.69 -14.67
CA GLU A 46 -34.85 31.25 -14.63
C GLU A 46 -35.10 30.75 -13.22
N GLY A 47 -34.39 31.29 -12.23
CA GLY A 47 -34.60 30.96 -10.83
C GLY A 47 -33.38 30.44 -10.10
N LYS A 48 -32.30 30.07 -10.79
CA LYS A 48 -31.12 29.55 -10.10
C LYS A 48 -30.48 30.61 -9.20
N ILE A 49 -30.37 31.83 -9.69
CA ILE A 49 -29.60 32.89 -9.04
C ILE A 49 -30.55 33.96 -8.53
N SER A 50 -30.30 34.44 -7.32
CA SER A 50 -31.07 35.52 -6.73
C SER A 50 -30.16 36.70 -6.41
N LYS A 51 -30.74 37.89 -6.42
CA LYS A 51 -29.97 39.11 -6.19
C LYS A 51 -29.55 39.23 -4.73
N ILE A 52 -28.49 40.00 -4.51
CA ILE A 52 -27.91 40.22 -3.19
C ILE A 52 -28.05 41.69 -2.82
N GLY A 53 -28.63 41.95 -1.66
CA GLY A 53 -28.74 43.30 -1.16
C GLY A 53 -27.59 43.67 -0.24
N PRO A 54 -27.71 44.79 0.46
CA PRO A 54 -26.63 45.22 1.37
C PRO A 54 -26.46 44.31 2.57
N GLU A 55 -27.41 43.42 2.84
CA GLU A 55 -27.33 42.51 3.98
C GLU A 55 -26.23 41.47 3.82
N ASN A 56 -25.63 41.34 2.63
CA ASN A 56 -24.47 40.49 2.40
C ASN A 56 -23.37 41.39 1.83
N PRO A 57 -22.54 42.01 2.68
CA PRO A 57 -21.58 43.00 2.18
C PRO A 57 -20.48 42.41 1.32
N TYR A 58 -19.80 41.38 1.81
CA TYR A 58 -18.66 40.82 1.10
C TYR A 58 -19.10 39.80 0.06
N ASN A 59 -18.37 39.75 -1.05
CA ASN A 59 -18.70 38.87 -2.15
C ASN A 59 -17.49 38.07 -2.61
N THR A 60 -17.61 37.38 -3.74
CA THR A 60 -16.54 36.56 -4.30
C THR A 60 -16.34 36.93 -5.76
N PRO A 61 -15.10 37.10 -6.22
CA PRO A 61 -14.87 37.53 -7.59
C PRO A 61 -15.29 36.49 -8.61
N VAL A 62 -15.61 36.98 -9.82
CA VAL A 62 -16.01 36.11 -10.91
C VAL A 62 -15.27 36.53 -12.18
N PHE A 63 -14.73 35.57 -12.91
CA PHE A 63 -14.01 35.81 -14.14
C PHE A 63 -14.79 35.22 -15.32
N ALA A 64 -14.27 35.47 -16.53
CA ALA A 64 -14.89 34.98 -17.76
C ALA A 64 -13.90 34.10 -18.51
N ILE A 65 -14.41 32.99 -19.05
CA ILE A 65 -13.59 32.06 -19.81
C ILE A 65 -14.25 31.84 -21.17
N LYS A 66 -13.44 31.38 -22.13
CA LYS A 66 -13.89 31.14 -23.49
C LYS A 66 -13.39 29.81 -24.03
N LYS A 67 -12.98 28.89 -23.14
CA LYS A 67 -12.41 27.62 -23.58
C LYS A 67 -13.42 26.79 -24.35
N LYS A 68 -14.67 26.79 -23.91
CA LYS A 68 -15.73 26.09 -24.64
C LYS A 68 -16.00 26.82 -25.96
N ASP A 69 -16.03 26.06 -27.05
CA ASP A 69 -16.18 26.59 -28.41
C ASP A 69 -15.05 27.59 -28.63
N SER A 70 -15.32 28.80 -29.10
CA SER A 70 -14.28 29.81 -29.28
C SER A 70 -14.48 31.01 -28.38
N THR A 71 -15.64 31.66 -28.42
CA THR A 71 -15.94 32.84 -27.62
C THR A 71 -17.32 32.69 -26.98
N LYS A 72 -17.57 31.53 -26.38
CA LYS A 72 -18.89 31.21 -25.83
C LYS A 72 -19.27 32.09 -24.65
N TRP A 73 -18.32 32.81 -24.06
CA TRP A 73 -18.55 33.59 -22.84
C TRP A 73 -19.07 32.70 -21.70
N ARG A 74 -18.52 31.48 -21.62
CA ARG A 74 -18.86 30.58 -20.53
C ARG A 74 -18.38 31.15 -19.21
N LYS A 75 -19.23 31.09 -18.19
CA LYS A 75 -18.98 31.76 -16.93
C LYS A 75 -18.51 30.78 -15.88
N LEU A 76 -17.43 31.14 -15.17
CA LEU A 76 -16.95 30.39 -14.02
C LEU A 76 -16.50 31.40 -12.97
N VAL A 77 -16.51 30.99 -11.71
CA VAL A 77 -16.27 31.88 -10.58
C VAL A 77 -14.99 31.46 -9.87
N ASP A 78 -14.19 32.44 -9.48
CA ASP A 78 -12.97 32.21 -8.72
C ASP A 78 -13.34 31.87 -7.27
N PHE A 79 -13.61 30.58 -7.05
CA PHE A 79 -13.97 30.07 -5.72
C PHE A 79 -12.76 29.66 -4.90
N ARG A 80 -11.60 30.25 -5.19
CA ARG A 80 -10.38 29.82 -4.50
C ARG A 80 -10.42 30.02 -2.99
N GLU A 81 -10.74 31.23 -2.55
CA GLU A 81 -10.80 31.50 -1.12
C GLU A 81 -11.88 30.66 -0.45
N LEU A 82 -13.01 30.49 -1.11
CA LEU A 82 -14.05 29.66 -0.55
C LEU A 82 -13.60 28.22 -0.41
N ASN A 83 -12.88 27.70 -1.39
CA ASN A 83 -12.40 26.33 -1.32
C ASN A 83 -11.34 26.19 -0.25
N LYS A 84 -10.61 27.26 0.00
CA LYS A 84 -9.59 27.23 1.04
C LYS A 84 -10.26 27.24 2.42
N ARG A 85 -11.48 27.75 2.50
CA ARG A 85 -12.13 27.88 3.82
C ARG A 85 -13.48 27.26 4.12
N THR A 86 -13.67 25.97 3.83
CA THR A 86 -14.97 25.34 4.09
C THR A 86 -14.84 23.88 4.49
N GLN A 87 -15.91 23.28 5.01
CA GLN A 87 -15.88 21.89 5.44
C GLN A 87 -15.22 20.98 4.42
N ASP A 88 -14.04 20.46 4.72
CA ASP A 88 -13.39 19.51 3.84
C ASP A 88 -14.35 18.34 3.67
N PHE A 89 -14.38 17.79 2.45
CA PHE A 89 -15.28 16.71 2.11
C PHE A 89 -14.50 15.43 1.84
N TRP A 90 -15.21 14.31 1.83
CA TRP A 90 -14.63 13.01 1.50
C TRP A 90 -15.37 12.48 0.26
N GLU A 91 -14.82 12.76 -0.92
CA GLU A 91 -15.38 12.27 -2.16
C GLU A 91 -15.14 10.77 -2.24
N VAL A 92 -16.19 9.99 -2.02
CA VAL A 92 -16.05 8.54 -2.00
C VAL A 92 -15.93 7.88 -3.37
N GLN A 93 -16.40 8.55 -4.42
CA GLN A 93 -16.37 7.99 -5.77
C GLN A 93 -15.28 8.81 -6.46
N LEU A 94 -14.13 8.19 -6.69
CA LEU A 94 -13.00 8.84 -7.32
C LEU A 94 -12.45 8.00 -8.47
N GLY A 95 -12.58 6.69 -8.36
CA GLY A 95 -12.12 5.80 -9.42
C GLY A 95 -12.98 5.97 -10.67
N ILE A 96 -12.32 6.14 -11.81
CA ILE A 96 -13.04 6.25 -13.09
C ILE A 96 -13.34 4.86 -13.63
N PRO A 97 -14.57 4.58 -14.05
CA PRO A 97 -14.89 3.23 -14.56
C PRO A 97 -14.10 2.90 -15.81
N HIS A 98 -13.89 1.60 -16.01
CA HIS A 98 -13.25 1.14 -17.23
C HIS A 98 -14.19 0.18 -17.97
N PRO A 99 -14.38 0.36 -19.28
CA PRO A 99 -15.39 -0.42 -20.00
C PRO A 99 -15.08 -1.89 -20.07
N ALA A 100 -13.83 -2.29 -19.83
CA ALA A 100 -13.47 -3.69 -19.92
C ALA A 100 -14.44 -4.50 -19.08
N GLY A 101 -14.69 -4.06 -17.85
CA GLY A 101 -15.63 -4.73 -16.97
C GLY A 101 -17.10 -4.64 -17.29
N LEU A 102 -17.49 -3.87 -18.31
CA LEU A 102 -18.89 -3.83 -18.70
C LEU A 102 -19.33 -5.21 -19.17
N LYS A 103 -20.59 -5.55 -18.89
CA LYS A 103 -21.14 -6.84 -19.28
C LYS A 103 -22.02 -6.67 -20.52
N LYS A 104 -22.06 -7.72 -21.33
CA LYS A 104 -22.66 -7.62 -22.66
C LYS A 104 -24.19 -7.55 -22.58
N LYS A 105 -24.71 -6.34 -22.39
CA LYS A 105 -26.16 -6.13 -22.37
C LYS A 105 -26.69 -6.11 -23.79
N LYS A 106 -27.78 -6.85 -24.02
CA LYS A 106 -28.37 -6.94 -25.36
C LYS A 106 -29.00 -5.63 -25.82
N SER A 107 -29.21 -4.67 -24.93
CA SER A 107 -29.80 -3.39 -25.29
C SER A 107 -29.23 -2.32 -24.37
N VAL A 108 -28.68 -1.26 -24.96
CA VAL A 108 -27.95 -0.24 -24.22
C VAL A 108 -28.49 1.13 -24.60
N THR A 109 -28.55 2.03 -23.61
CA THR A 109 -28.94 3.41 -23.84
C THR A 109 -28.19 4.31 -22.88
N VAL A 110 -27.67 5.43 -23.39
CA VAL A 110 -26.89 6.38 -22.61
C VAL A 110 -27.73 7.64 -22.44
N LEU A 111 -27.92 8.06 -21.20
CA LEU A 111 -28.65 9.27 -20.86
C LEU A 111 -27.67 10.33 -20.39
N ASP A 112 -27.84 11.55 -20.88
CA ASP A 112 -27.00 12.67 -20.48
C ASP A 112 -27.86 13.73 -19.82
N VAL A 113 -27.49 14.15 -18.63
CA VAL A 113 -28.25 15.12 -17.86
C VAL A 113 -27.71 16.52 -18.14
N GLY A 114 -28.59 17.43 -18.52
CA GLY A 114 -28.21 18.78 -18.88
C GLY A 114 -28.34 19.72 -17.69
N ASP A 115 -27.21 20.32 -17.31
CA ASP A 115 -27.15 21.27 -16.19
C ASP A 115 -27.68 20.66 -14.90
N ALA A 116 -27.37 19.38 -14.67
CA ALA A 116 -27.89 18.71 -13.48
C ALA A 116 -27.20 19.18 -12.21
N TYR A 117 -26.00 19.76 -12.35
CA TYR A 117 -25.36 20.37 -11.19
C TYR A 117 -26.17 21.56 -10.68
N PHE A 118 -26.99 22.15 -11.55
CA PHE A 118 -27.74 23.34 -11.16
C PHE A 118 -29.11 22.98 -10.63
N SER A 119 -29.53 21.72 -10.76
CA SER A 119 -30.85 21.32 -10.29
C SER A 119 -30.89 21.17 -8.77
N VAL A 120 -29.82 20.63 -8.19
CA VAL A 120 -29.80 20.37 -6.74
C VAL A 120 -29.66 21.69 -5.98
N PRO A 121 -30.37 21.88 -4.87
CA PRO A 121 -30.31 23.16 -4.15
C PRO A 121 -29.03 23.33 -3.34
N LEU A 122 -28.95 24.43 -2.58
CA LEU A 122 -27.76 24.70 -1.77
C LEU A 122 -28.20 24.93 -0.31
N ASP A 123 -27.26 25.28 0.57
CA ASP A 123 -27.58 25.54 1.96
C ASP A 123 -27.95 26.98 2.19
N GLU A 124 -29.02 27.20 2.94
CA GLU A 124 -29.49 28.56 3.18
C GLU A 124 -28.43 29.40 3.88
N ASP A 125 -27.75 28.82 4.88
CA ASP A 125 -26.79 29.59 5.67
C ASP A 125 -25.59 29.99 4.84
N PHE A 126 -25.19 29.15 3.88
CA PHE A 126 -23.95 29.33 3.16
C PHE A 126 -24.12 30.10 1.85
N ARG A 127 -25.37 30.40 1.46
CA ARG A 127 -25.58 31.25 0.30
C ARG A 127 -25.03 32.65 0.52
N LYS A 128 -24.93 33.07 1.78
CA LYS A 128 -24.32 34.37 2.07
C LYS A 128 -22.86 34.38 1.66
N TYR A 129 -22.16 33.26 1.82
CA TYR A 129 -20.76 33.15 1.42
C TYR A 129 -20.61 32.70 -0.02
N THR A 130 -21.69 32.26 -0.66
CA THR A 130 -21.67 31.89 -2.08
C THR A 130 -22.14 33.08 -2.94
N ALA A 131 -21.72 34.29 -2.56
CA ALA A 131 -22.17 35.51 -3.22
C ALA A 131 -21.08 36.06 -4.13
N PHE A 132 -21.46 36.42 -5.36
CA PHE A 132 -20.53 36.98 -6.33
C PHE A 132 -21.17 38.21 -6.99
N THR A 133 -20.32 39.07 -7.53
CA THR A 133 -20.77 40.29 -8.19
C THR A 133 -20.01 40.64 -9.46
N ILE A 134 -20.75 41.12 -10.45
CA ILE A 134 -20.20 41.43 -11.77
C ILE A 134 -20.28 42.93 -11.99
N PRO A 135 -19.19 43.58 -12.41
CA PRO A 135 -19.29 44.99 -12.78
C PRO A 135 -20.24 45.19 -13.95
N SER A 136 -20.85 46.37 -14.01
CA SER A 136 -21.76 46.67 -15.10
C SER A 136 -21.00 46.77 -16.42
N ILE A 137 -21.74 46.95 -17.51
CA ILE A 137 -21.14 47.03 -18.83
C ILE A 137 -20.13 48.16 -18.85
N ASN A 138 -18.86 47.81 -19.07
CA ASN A 138 -17.74 48.74 -19.03
C ASN A 138 -17.58 49.41 -17.68
N ASN A 139 -18.11 48.78 -16.62
CA ASN A 139 -17.98 49.28 -15.25
C ASN A 139 -18.52 50.70 -15.11
N GLU A 140 -19.65 50.98 -15.77
CA GLU A 140 -20.31 52.27 -15.56
C GLU A 140 -20.80 52.40 -14.12
N THR A 141 -21.39 51.32 -13.60
CA THR A 141 -21.81 51.09 -12.22
C THR A 141 -20.91 50.02 -11.61
N PRO A 142 -20.45 50.18 -10.37
CA PRO A 142 -19.41 49.28 -9.84
C PRO A 142 -19.73 47.80 -9.94
N GLY A 143 -20.99 47.40 -9.74
CA GLY A 143 -21.30 46.00 -9.88
C GLY A 143 -22.72 45.59 -9.53
N ILE A 144 -23.12 44.41 -10.00
CA ILE A 144 -24.39 43.79 -9.64
C ILE A 144 -24.15 42.46 -8.92
N ARG A 145 -24.64 42.37 -7.69
CA ARG A 145 -24.24 41.34 -6.74
C ARG A 145 -25.26 40.21 -6.72
N TYR A 146 -24.78 38.97 -6.79
CA TYR A 146 -25.63 37.81 -6.96
C TYR A 146 -25.20 36.70 -6.00
N GLN A 147 -26.03 35.66 -5.93
CA GLN A 147 -25.70 34.46 -5.18
C GLN A 147 -26.22 33.25 -5.95
N TYR A 148 -26.02 32.06 -5.36
CA TYR A 148 -26.49 30.81 -5.97
C TYR A 148 -27.38 29.99 -5.03
N ASN A 149 -28.64 29.80 -5.41
CA ASN A 149 -29.55 28.97 -4.61
C ASN A 149 -29.45 27.54 -5.09
N VAL A 150 -28.42 27.21 -5.85
CA VAL A 150 -28.14 25.87 -6.32
C VAL A 150 -26.66 25.60 -6.14
N LEU A 151 -26.27 24.36 -6.41
CA LEU A 151 -24.88 23.96 -6.23
C LEU A 151 -23.99 24.68 -7.23
N PRO A 152 -23.01 25.47 -6.79
CA PRO A 152 -22.15 26.20 -7.73
C PRO A 152 -21.29 25.23 -8.53
N GLN A 153 -21.01 25.60 -9.78
CA GLN A 153 -20.06 24.84 -10.58
C GLN A 153 -18.64 25.27 -10.21
N GLY A 154 -17.81 24.29 -9.88
CA GLY A 154 -16.46 24.59 -9.43
C GLY A 154 -16.37 24.93 -7.96
N TRP A 155 -16.83 24.01 -7.11
CA TRP A 155 -16.77 24.20 -5.65
C TRP A 155 -16.40 22.89 -5.00
N LYS A 156 -15.81 22.92 -3.81
CA LYS A 156 -15.30 21.75 -3.12
C LYS A 156 -16.31 20.61 -3.14
N GLY A 157 -17.46 20.83 -2.53
CA GLY A 157 -18.42 19.77 -2.34
C GLY A 157 -19.45 19.57 -3.43
N SER A 158 -19.35 20.29 -4.54
CA SER A 158 -20.36 20.17 -5.58
C SER A 158 -20.45 18.75 -6.14
N PRO A 159 -19.34 18.12 -6.56
CA PRO A 159 -19.47 16.74 -7.07
C PRO A 159 -19.90 15.74 -6.02
N ALA A 160 -19.44 15.90 -4.78
CA ALA A 160 -19.83 14.98 -3.71
C ALA A 160 -21.32 15.06 -3.45
N ILE A 161 -21.85 16.28 -3.27
CA ILE A 161 -23.27 16.44 -3.02
C ILE A 161 -24.09 15.97 -4.21
N PHE A 162 -23.62 16.25 -5.43
CA PHE A 162 -24.36 15.79 -6.60
C PHE A 162 -24.40 14.27 -6.66
N GLN A 163 -23.29 13.61 -6.37
CA GLN A 163 -23.26 12.15 -6.39
C GLN A 163 -24.21 11.59 -5.33
N SER A 164 -24.18 12.16 -4.12
CA SER A 164 -25.09 11.71 -3.08
C SER A 164 -26.55 11.89 -3.48
N SER A 165 -26.89 13.04 -4.07
CA SER A 165 -28.26 13.31 -4.45
C SER A 165 -28.72 12.38 -5.56
N MET A 166 -27.89 12.15 -6.58
CA MET A 166 -28.27 11.26 -7.67
C MET A 166 -28.40 9.83 -7.17
N THR A 167 -27.54 9.41 -6.24
CA THR A 167 -27.68 8.09 -5.65
C THR A 167 -28.98 7.96 -4.89
N LYS A 168 -29.35 8.99 -4.13
CA LYS A 168 -30.62 8.97 -3.40
C LYS A 168 -31.79 8.87 -4.36
N ILE A 169 -31.74 9.62 -5.47
CA ILE A 169 -32.81 9.56 -6.46
C ILE A 169 -32.90 8.19 -7.12
N LEU A 170 -31.77 7.60 -7.50
CA LEU A 170 -31.77 6.39 -8.32
C LEU A 170 -31.82 5.10 -7.50
N GLU A 171 -31.65 5.16 -6.18
CA GLU A 171 -31.69 3.92 -5.40
C GLU A 171 -33.08 3.27 -5.46
N PRO A 172 -34.18 4.01 -5.32
CA PRO A 172 -35.51 3.37 -5.50
C PRO A 172 -35.66 2.69 -6.86
N PHE A 173 -35.21 3.33 -7.93
CA PHE A 173 -35.36 2.73 -9.25
C PHE A 173 -34.54 1.45 -9.37
N LYS A 174 -33.32 1.46 -8.85
CA LYS A 174 -32.50 0.25 -8.87
C LYS A 174 -33.15 -0.86 -8.06
N LYS A 175 -33.75 -0.52 -6.91
CA LYS A 175 -34.50 -1.50 -6.14
C LYS A 175 -35.68 -2.05 -6.92
N GLN A 176 -36.27 -1.21 -7.79
CA GLN A 176 -37.47 -1.63 -8.52
C GLN A 176 -37.17 -2.79 -9.48
N ASN A 177 -36.04 -2.72 -10.18
CA ASN A 177 -35.73 -3.68 -11.23
C ASN A 177 -34.33 -4.26 -11.04
N PRO A 178 -34.20 -5.55 -10.71
CA PRO A 178 -32.89 -6.19 -10.61
C PRO A 178 -32.33 -6.73 -11.91
N ASP A 179 -32.91 -6.36 -13.06
CA ASP A 179 -32.42 -6.82 -14.35
C ASP A 179 -31.68 -5.71 -15.10
N ILE A 180 -31.81 -4.46 -14.67
CA ILE A 180 -31.26 -3.32 -15.38
C ILE A 180 -30.05 -2.81 -14.62
N VAL A 181 -28.94 -2.57 -15.32
CA VAL A 181 -27.71 -2.02 -14.68
C VAL A 181 -27.61 -0.54 -14.99
N ILE A 182 -27.28 0.31 -14.03
CA ILE A 182 -27.28 1.76 -14.31
C ILE A 182 -26.00 2.43 -13.80
N TYR A 183 -24.86 2.14 -14.44
CA TYR A 183 -23.57 2.77 -14.06
C TYR A 183 -23.68 4.28 -14.26
N GLN A 184 -23.16 5.08 -13.35
CA GLN A 184 -23.13 6.53 -13.61
C GLN A 184 -21.83 7.13 -13.12
N TYR A 185 -21.19 7.97 -13.92
CA TYR A 185 -20.01 8.72 -13.41
C TYR A 185 -20.32 10.18 -13.72
N MET A 186 -20.60 10.97 -12.69
CA MET A 186 -20.87 12.42 -12.88
C MET A 186 -22.00 12.64 -13.89
N ASP A 187 -21.73 13.39 -14.97
CA ASP A 187 -22.78 13.76 -15.94
C ASP A 187 -23.42 12.58 -16.68
N ASP A 188 -22.67 11.58 -17.09
CA ASP A 188 -23.26 10.49 -17.91
C ASP A 188 -24.19 9.62 -17.08
N LEU A 189 -25.08 8.87 -17.73
CA LEU A 189 -25.92 7.88 -17.01
C LEU A 189 -26.12 6.66 -17.92
N TYR A 190 -25.09 5.83 -18.06
CA TYR A 190 -25.20 4.61 -18.89
C TYR A 190 -26.31 3.76 -18.31
N VAL A 191 -27.19 3.23 -19.14
CA VAL A 191 -28.21 2.28 -18.62
C VAL A 191 -28.21 1.11 -19.58
N GLY A 192 -28.25 -0.12 -19.09
CA GLY A 192 -28.15 -1.26 -20.00
C GLY A 192 -28.91 -2.41 -19.44
N SER A 193 -29.49 -3.24 -20.28
CA SER A 193 -30.32 -4.34 -19.82
C SER A 193 -30.43 -5.38 -20.93
N ASP A 194 -30.89 -6.57 -20.57
CA ASP A 194 -31.09 -7.67 -21.50
C ASP A 194 -32.53 -7.77 -21.96
N LEU A 195 -33.23 -6.65 -22.05
CA LEU A 195 -34.63 -6.61 -22.46
C LEU A 195 -34.72 -6.57 -23.99
N GLU A 196 -35.95 -6.60 -24.49
CA GLU A 196 -36.18 -6.47 -25.92
C GLU A 196 -35.99 -5.01 -26.35
N ILE A 197 -35.96 -4.80 -27.67
CA ILE A 197 -35.65 -3.49 -28.22
C ILE A 197 -36.73 -2.46 -27.86
N GLY A 198 -37.97 -2.90 -27.71
CA GLY A 198 -39.05 -1.99 -27.35
C GLY A 198 -39.26 -1.89 -25.86
N GLN A 199 -39.14 -3.03 -25.17
CA GLN A 199 -39.30 -3.03 -23.71
C GLN A 199 -38.22 -2.18 -23.05
N HIS A 200 -36.97 -2.27 -23.53
CA HIS A 200 -35.90 -1.46 -22.98
C HIS A 200 -36.17 0.03 -23.21
N ARG A 201 -36.67 0.38 -24.41
CA ARG A 201 -36.99 1.77 -24.69
C ARG A 201 -38.09 2.27 -23.75
N THR A 202 -39.11 1.44 -23.52
CA THR A 202 -40.17 1.83 -22.58
C THR A 202 -39.63 2.00 -21.17
N LYS A 203 -38.73 1.11 -20.74
CA LYS A 203 -38.14 1.23 -19.41
C LYS A 203 -37.33 2.52 -19.29
N ILE A 204 -36.58 2.88 -20.34
CA ILE A 204 -35.82 4.11 -20.33
C ILE A 204 -36.74 5.32 -20.31
N GLU A 205 -37.86 5.25 -21.04
CA GLU A 205 -38.84 6.34 -21.01
C GLU A 205 -39.41 6.52 -19.62
N GLU A 206 -39.74 5.41 -18.95
CA GLU A 206 -40.27 5.50 -17.60
C GLU A 206 -39.24 6.01 -16.61
N LEU A 207 -37.97 5.62 -16.78
CA LEU A 207 -36.91 6.16 -15.93
C LEU A 207 -36.73 7.65 -16.16
N ARG A 208 -36.83 8.09 -17.42
CA ARG A 208 -36.72 9.50 -17.73
C ARG A 208 -37.85 10.30 -17.08
N GLN A 209 -39.07 9.77 -17.14
CA GLN A 209 -40.19 10.43 -16.45
C GLN A 209 -39.97 10.46 -14.94
N HIS A 210 -39.49 9.34 -14.39
CA HIS A 210 -39.15 9.25 -12.99
C HIS A 210 -38.07 10.24 -12.58
N LEU A 211 -37.18 10.62 -13.50
CA LEU A 211 -36.19 11.66 -13.25
C LEU A 211 -36.73 13.07 -13.46
N LEU A 212 -37.72 13.23 -14.34
CA LEU A 212 -38.46 14.48 -14.44
C LEU A 212 -39.34 14.74 -13.23
N ARG A 213 -39.65 13.71 -12.46
CA ARG A 213 -40.42 13.89 -11.23
C ARG A 213 -39.71 14.80 -10.24
N TRP A 214 -38.38 14.67 -10.10
CA TRP A 214 -37.59 15.61 -9.32
C TRP A 214 -37.09 16.78 -10.15
N GLY A 215 -37.46 16.88 -11.41
CA GLY A 215 -37.14 18.03 -12.23
C GLY A 215 -35.88 17.92 -13.05
N LEU A 216 -35.19 16.79 -13.02
CA LEU A 216 -34.01 16.62 -13.85
C LEU A 216 -34.38 16.62 -15.32
N THR A 217 -33.58 17.31 -16.13
CA THR A 217 -33.84 17.43 -17.57
C THR A 217 -32.75 16.71 -18.34
N THR A 218 -33.16 15.91 -19.32
CA THR A 218 -32.26 15.13 -20.17
C THR A 218 -32.64 15.36 -21.63
N PRO A 219 -31.91 16.20 -22.36
CA PRO A 219 -32.30 16.49 -23.75
C PRO A 219 -32.26 15.25 -24.63
N ASP A 220 -33.23 15.18 -25.55
CA ASP A 220 -33.31 14.04 -26.47
C ASP A 220 -32.13 14.02 -27.43
N LYS A 221 -31.58 15.18 -27.76
CA LYS A 221 -30.44 15.24 -28.66
C LYS A 221 -29.23 14.56 -28.03
N LYS A 222 -29.01 14.79 -26.74
CA LYS A 222 -27.91 14.12 -26.04
C LYS A 222 -28.23 12.67 -25.71
N HIS A 223 -29.50 12.34 -25.51
CA HIS A 223 -29.88 10.96 -25.27
C HIS A 223 -29.61 10.12 -26.51
N GLN A 224 -28.66 9.18 -26.40
CA GLN A 224 -28.25 8.37 -27.54
C GLN A 224 -29.33 7.35 -27.88
N LYS A 225 -29.50 7.08 -29.17
CA LYS A 225 -30.56 6.21 -29.66
C LYS A 225 -30.05 4.92 -30.31
N GLU A 226 -29.21 5.01 -31.36
CA GLU A 226 -28.65 3.80 -31.95
C GLU A 226 -27.15 3.73 -31.69
N PRO A 227 -26.56 2.55 -31.74
CA PRO A 227 -25.11 2.45 -31.60
C PRO A 227 -24.42 3.06 -32.80
N PRO A 228 -23.17 3.54 -32.64
CA PRO A 228 -22.37 3.50 -31.41
C PRO A 228 -22.75 4.58 -30.41
N PHE A 229 -22.41 4.37 -29.15
CA PHE A 229 -22.64 5.34 -28.09
C PHE A 229 -21.30 5.80 -27.56
N LEU A 230 -21.05 7.11 -27.63
CA LEU A 230 -19.80 7.68 -27.16
C LEU A 230 -19.93 7.95 -25.67
N TRP A 231 -19.21 7.19 -24.86
CA TRP A 231 -19.35 7.20 -23.41
C TRP A 231 -18.01 7.56 -22.79
N MET A 232 -17.94 8.77 -22.20
CA MET A 232 -16.81 9.29 -21.45
C MET A 232 -15.48 9.04 -22.15
N GLY A 233 -15.48 9.08 -23.47
CA GLY A 233 -14.27 8.97 -24.27
C GLY A 233 -14.04 7.63 -24.93
N TYR A 234 -14.94 6.67 -24.76
CA TYR A 234 -14.79 5.31 -25.25
C TYR A 234 -16.01 4.96 -26.09
N GLU A 235 -15.82 4.83 -27.40
CA GLU A 235 -16.94 4.51 -28.28
C GLU A 235 -17.39 3.07 -28.08
N LEU A 236 -18.60 2.90 -27.54
CA LEU A 236 -19.10 1.59 -27.12
C LEU A 236 -19.97 0.99 -28.22
N HIS A 237 -19.37 0.17 -29.06
CA HIS A 237 -20.13 -0.64 -30.00
C HIS A 237 -20.78 -1.80 -29.26
N PRO A 238 -21.74 -2.49 -29.89
CA PRO A 238 -22.43 -3.58 -29.18
C PRO A 238 -21.50 -4.69 -28.70
N ASP A 239 -20.39 -4.96 -29.39
CA ASP A 239 -19.52 -6.06 -29.00
C ASP A 239 -18.05 -5.65 -28.88
N LYS A 240 -17.74 -4.37 -28.86
CA LYS A 240 -16.34 -3.94 -28.81
C LYS A 240 -16.26 -2.50 -28.34
N TRP A 241 -15.66 -2.29 -27.17
CA TRP A 241 -15.28 -0.94 -26.80
C TRP A 241 -14.02 -0.53 -27.58
N THR A 242 -13.79 0.76 -27.66
CA THR A 242 -12.65 1.27 -28.41
C THR A 242 -12.35 2.69 -27.94
N VAL A 243 -11.07 3.05 -27.97
CA VAL A 243 -10.68 4.42 -27.65
C VAL A 243 -11.18 5.34 -28.76
N GLN A 244 -11.69 6.50 -28.35
CA GLN A 244 -12.05 7.51 -29.34
C GLN A 244 -10.81 7.93 -30.11
N PRO A 245 -10.84 7.89 -31.44
CA PRO A 245 -9.60 8.04 -32.22
C PRO A 245 -8.90 9.36 -31.93
N ILE A 246 -7.57 9.30 -31.88
CA ILE A 246 -6.72 10.46 -31.62
C ILE A 246 -5.66 10.54 -32.69
N VAL A 247 -5.12 11.76 -32.87
CA VAL A 247 -4.07 12.02 -33.83
C VAL A 247 -2.90 12.67 -33.10
N LEU A 248 -1.70 12.16 -33.34
CA LEU A 248 -0.50 12.73 -32.75
C LEU A 248 0.02 13.88 -33.62
N PRO A 249 0.68 14.86 -33.01
CA PRO A 249 1.26 15.95 -33.79
C PRO A 249 2.30 15.42 -34.77
N GLU A 250 2.37 16.05 -35.94
CA GLU A 250 3.36 15.74 -36.96
C GLU A 250 4.47 16.77 -37.01
N LYS A 251 4.87 17.27 -35.85
CA LYS A 251 5.84 18.36 -35.78
C LYS A 251 7.21 17.92 -36.28
N ASP A 252 7.96 18.90 -36.78
CA ASP A 252 9.36 18.69 -37.16
C ASP A 252 10.34 19.39 -36.23
N SER A 253 9.89 20.37 -35.47
CA SER A 253 10.70 21.03 -34.44
C SER A 253 10.01 20.75 -33.12
N TRP A 254 10.35 19.61 -32.50
CA TRP A 254 9.68 19.16 -31.29
C TRP A 254 10.27 19.88 -30.07
N THR A 255 9.45 20.69 -29.42
CA THR A 255 9.82 21.32 -28.16
C THR A 255 9.31 20.49 -26.99
N VAL A 256 9.57 20.99 -25.78
CA VAL A 256 9.38 20.17 -24.58
C VAL A 256 7.91 19.85 -24.37
N ASN A 257 7.03 20.84 -24.51
CA ASN A 257 5.62 20.59 -24.23
C ASN A 257 4.97 19.77 -25.34
N ASP A 258 5.43 19.92 -26.58
CA ASP A 258 4.95 19.05 -27.65
C ASP A 258 5.37 17.61 -27.40
N ILE A 259 6.61 17.41 -26.93
CA ILE A 259 7.05 16.06 -26.56
C ILE A 259 6.19 15.51 -25.43
N GLN A 260 5.89 16.35 -24.44
CA GLN A 260 5.06 15.91 -23.33
C GLN A 260 3.66 15.52 -23.78
N LYS A 261 3.09 16.28 -24.72
CA LYS A 261 1.78 15.94 -25.26
C LYS A 261 1.83 14.63 -26.01
N LEU A 262 2.90 14.40 -26.77
CA LEU A 262 3.08 13.12 -27.44
C LEU A 262 3.12 11.98 -26.42
N VAL A 263 3.90 12.16 -25.36
CA VAL A 263 4.01 11.13 -24.32
C VAL A 263 2.66 10.87 -23.69
N GLY A 264 1.92 11.93 -23.38
CA GLY A 264 0.63 11.76 -22.73
C GLY A 264 -0.37 11.02 -23.61
N LYS A 265 -0.44 11.40 -24.89
CA LYS A 265 -1.38 10.72 -25.78
C LYS A 265 -0.96 9.27 -26.02
N LEU A 266 0.35 9.00 -26.09
CA LEU A 266 0.80 7.63 -26.23
C LEU A 266 0.41 6.79 -25.01
N ASN A 267 0.64 7.33 -23.81
CA ASN A 267 0.24 6.63 -22.59
C ASN A 267 -1.25 6.39 -22.56
N TRP A 268 -2.05 7.40 -22.95
CA TRP A 268 -3.49 7.26 -22.94
C TRP A 268 -3.96 6.21 -23.92
N ALA A 269 -3.33 6.14 -25.10
CA ALA A 269 -3.69 5.15 -26.10
C ALA A 269 -3.10 3.78 -25.82
N SER A 270 -2.23 3.68 -24.81
CA SER A 270 -1.65 2.39 -24.45
C SER A 270 -2.65 1.40 -23.88
N GLN A 271 -3.87 1.85 -23.56
CA GLN A 271 -4.85 0.96 -22.95
C GLN A 271 -5.29 -0.16 -23.89
N ILE A 272 -5.23 0.07 -25.20
CA ILE A 272 -5.75 -0.92 -26.15
C ILE A 272 -4.76 -1.31 -27.24
N TYR A 273 -3.78 -0.45 -27.52
CA TYR A 273 -2.79 -0.76 -28.53
C TYR A 273 -1.57 -1.45 -27.93
N PRO A 274 -1.31 -2.69 -28.35
CA PRO A 274 -0.20 -3.46 -27.77
C PRO A 274 1.15 -3.13 -28.37
N GLY A 275 2.14 -2.83 -27.53
CA GLY A 275 3.48 -2.57 -28.01
C GLY A 275 3.95 -1.13 -27.94
N ILE A 276 3.17 -0.23 -27.35
CA ILE A 276 3.58 1.17 -27.29
C ILE A 276 4.70 1.33 -26.27
N LYS A 277 5.76 2.03 -26.68
CA LYS A 277 6.94 2.26 -25.85
C LYS A 277 7.20 3.76 -25.77
N VAL A 278 7.56 4.24 -24.58
CA VAL A 278 7.76 5.66 -24.35
C VAL A 278 9.00 5.97 -23.54
N ARG A 279 9.78 4.95 -23.18
CA ARG A 279 10.95 5.18 -22.31
C ARG A 279 11.95 6.16 -22.91
N GLN A 280 12.44 5.86 -24.11
CA GLN A 280 13.45 6.72 -24.72
C GLN A 280 12.83 8.05 -25.16
N LEU A 281 11.55 8.06 -25.49
CA LEU A 281 10.88 9.32 -25.81
C LEU A 281 10.85 10.24 -24.60
N SER A 282 10.56 9.69 -23.42
CA SER A 282 10.58 10.47 -22.19
C SER A 282 11.99 10.80 -21.74
N LYS A 283 12.99 10.03 -22.20
CA LYS A 283 14.37 10.29 -21.81
C LYS A 283 14.80 11.72 -22.17
N LEU A 284 14.19 12.31 -23.19
CA LEU A 284 14.54 13.68 -23.57
C LEU A 284 14.20 14.67 -22.46
N LEU A 285 13.17 14.38 -21.66
CA LEU A 285 12.67 15.34 -20.69
C LEU A 285 13.60 15.53 -19.51
N ARG A 286 14.46 14.55 -19.26
CA ARG A 286 15.42 14.62 -18.15
C ARG A 286 16.30 15.87 -18.25
N GLY A 287 16.50 16.58 -17.14
CA GLY A 287 17.35 17.75 -17.16
C GLY A 287 16.65 18.98 -17.67
N THR A 288 15.59 19.39 -17.00
CA THR A 288 14.78 20.51 -17.46
C THR A 288 15.57 21.82 -17.33
N LYS A 289 15.85 22.45 -18.47
CA LYS A 289 16.59 23.70 -18.51
C LYS A 289 15.77 24.86 -19.06
N ALA A 290 15.25 24.73 -20.28
CA ALA A 290 14.44 25.77 -20.90
C ALA A 290 13.21 25.13 -21.52
N LEU A 291 12.04 25.70 -21.22
CA LEU A 291 10.77 25.16 -21.68
C LEU A 291 10.32 25.73 -23.02
N THR A 292 11.14 26.55 -23.65
CA THR A 292 10.81 27.18 -24.93
C THR A 292 11.57 26.58 -26.10
N GLU A 293 12.83 26.20 -25.90
CA GLU A 293 13.67 25.71 -26.98
C GLU A 293 13.15 24.36 -27.50
N VAL A 294 13.74 23.93 -28.62
CA VAL A 294 13.36 22.68 -29.28
C VAL A 294 14.46 21.65 -29.05
N ILE A 295 14.10 20.54 -28.43
CA ILE A 295 15.07 19.47 -28.19
C ILE A 295 15.18 18.61 -29.46
N PRO A 296 16.39 18.40 -29.98
CA PRO A 296 16.54 17.54 -31.16
C PRO A 296 16.09 16.12 -30.85
N LEU A 297 15.49 15.48 -31.86
CA LEU A 297 15.02 14.11 -31.73
C LEU A 297 16.17 13.17 -32.08
N THR A 298 16.76 12.55 -31.05
CA THR A 298 17.86 11.63 -31.24
C THR A 298 17.38 10.39 -32.00
N GLU A 299 18.33 9.58 -32.48
CA GLU A 299 17.99 8.42 -33.29
C GLU A 299 17.10 7.45 -32.53
N GLU A 300 17.41 7.21 -31.24
CA GLU A 300 16.59 6.31 -30.44
C GLU A 300 15.18 6.87 -30.28
N ALA A 301 15.05 8.17 -30.04
CA ALA A 301 13.74 8.78 -29.89
C ALA A 301 12.94 8.66 -31.18
N GLU A 302 13.58 8.92 -32.33
CA GLU A 302 12.86 8.84 -33.59
C GLU A 302 12.48 7.40 -33.93
N LEU A 303 13.32 6.43 -33.55
CA LEU A 303 12.97 5.03 -33.76
C LEU A 303 11.76 4.65 -32.93
N GLU A 304 11.75 5.05 -31.65
CA GLU A 304 10.59 4.75 -30.81
C GLU A 304 9.34 5.43 -31.33
N LEU A 305 9.47 6.68 -31.76
CA LEU A 305 8.32 7.42 -32.29
C LEU A 305 7.78 6.75 -33.55
N ALA A 306 8.66 6.30 -34.44
CA ALA A 306 8.22 5.60 -35.63
C ALA A 306 7.52 4.29 -35.28
N GLU A 307 8.04 3.57 -34.28
CA GLU A 307 7.38 2.34 -33.85
C GLU A 307 5.99 2.63 -33.30
N ASN A 308 5.86 3.68 -32.48
CA ASN A 308 4.54 4.05 -31.97
C ASN A 308 3.59 4.38 -33.11
N ARG A 309 4.06 5.14 -34.11
CA ARG A 309 3.21 5.49 -35.24
C ARG A 309 2.78 4.25 -36.02
N GLU A 310 3.71 3.33 -36.28
CA GLU A 310 3.35 2.18 -37.10
C GLU A 310 2.42 1.24 -36.34
N ILE A 311 2.49 1.22 -35.01
CA ILE A 311 1.49 0.48 -34.24
C ILE A 311 0.14 1.20 -34.28
N LEU A 312 0.16 2.54 -34.18
CA LEU A 312 -1.08 3.30 -34.09
C LEU A 312 -1.83 3.41 -35.42
N LYS A 313 -1.18 3.10 -36.54
CA LYS A 313 -1.91 3.15 -37.82
C LYS A 313 -3.19 2.32 -37.78
N GLU A 314 -3.10 1.09 -37.26
CA GLU A 314 -4.33 0.32 -37.36
C GLU A 314 -5.10 0.39 -36.05
N PRO A 315 -6.43 0.53 -36.10
CA PRO A 315 -7.23 0.52 -34.87
C PRO A 315 -7.59 -0.89 -34.43
N VAL A 316 -7.42 -1.14 -33.13
CA VAL A 316 -7.72 -2.42 -32.51
C VAL A 316 -8.74 -2.19 -31.41
N HIS A 317 -9.66 -3.13 -31.25
CA HIS A 317 -10.80 -2.99 -30.35
C HIS A 317 -10.76 -4.05 -29.27
N GLY A 318 -11.06 -3.66 -28.04
CA GLY A 318 -11.20 -4.58 -26.94
C GLY A 318 -12.56 -5.25 -26.91
N VAL A 319 -12.80 -6.00 -25.84
CA VAL A 319 -14.03 -6.76 -25.68
C VAL A 319 -14.52 -6.57 -24.24
N TYR A 320 -15.83 -6.80 -24.06
CA TYR A 320 -16.43 -6.74 -22.73
C TYR A 320 -16.10 -7.99 -21.92
N TYR A 321 -16.02 -7.81 -20.60
CA TYR A 321 -15.85 -8.94 -19.70
C TYR A 321 -17.09 -9.81 -19.66
N ASP A 322 -16.87 -11.11 -19.44
CA ASP A 322 -17.98 -12.07 -19.34
C ASP A 322 -17.73 -12.84 -18.06
N PRO A 323 -18.60 -12.66 -17.05
CA PRO A 323 -18.39 -13.30 -15.75
C PRO A 323 -18.21 -14.82 -15.75
N SER A 324 -18.68 -15.52 -16.78
CA SER A 324 -18.62 -16.97 -16.77
C SER A 324 -17.30 -17.54 -17.27
N LYS A 325 -16.31 -16.69 -17.55
CA LYS A 325 -15.00 -17.15 -18.02
C LYS A 325 -13.92 -16.68 -17.06
N ASP A 326 -12.73 -17.25 -17.21
CA ASP A 326 -11.61 -17.00 -16.31
C ASP A 326 -10.61 -16.03 -16.94
N LEU A 327 -10.20 -15.04 -16.15
CA LEU A 327 -9.27 -14.02 -16.62
C LEU A 327 -7.87 -14.61 -16.76
N ILE A 328 -7.25 -14.41 -17.90
CA ILE A 328 -5.88 -14.82 -18.16
C ILE A 328 -5.09 -13.61 -18.59
N ALA A 329 -3.94 -13.40 -17.96
CA ALA A 329 -3.04 -12.31 -18.32
C ALA A 329 -1.79 -12.86 -18.96
N GLU A 330 -0.93 -11.96 -19.41
CA GLU A 330 0.34 -12.31 -20.02
C GLU A 330 1.28 -11.13 -19.87
N ILE A 331 2.58 -11.41 -19.89
CA ILE A 331 3.59 -10.35 -19.89
C ILE A 331 4.68 -10.71 -20.88
N GLN A 332 5.07 -9.75 -21.71
CA GLN A 332 6.24 -9.86 -22.57
C GLN A 332 7.25 -8.81 -22.14
N LYS A 333 8.52 -9.15 -22.27
CA LYS A 333 9.60 -8.25 -21.85
C LYS A 333 10.10 -7.49 -23.06
N GLN A 334 9.74 -6.21 -23.14
CA GLN A 334 10.17 -5.40 -24.27
C GLN A 334 11.64 -5.00 -24.17
N GLY A 335 12.24 -5.16 -23.00
CA GLY A 335 13.62 -4.76 -22.81
C GLY A 335 13.75 -3.33 -22.32
N GLN A 336 14.85 -3.06 -21.61
CA GLN A 336 15.18 -1.78 -21.02
C GLN A 336 14.27 -1.41 -19.85
N GLY A 337 13.34 -2.28 -19.48
CA GLY A 337 12.42 -1.98 -18.39
C GLY A 337 11.02 -1.62 -18.87
N GLN A 338 10.53 -2.34 -19.87
CA GLN A 338 9.18 -2.15 -20.38
C GLN A 338 8.53 -3.50 -20.59
N TRP A 339 7.26 -3.62 -20.17
CA TRP A 339 6.50 -4.85 -20.25
C TRP A 339 5.13 -4.54 -20.82
N THR A 340 4.34 -5.57 -21.10
CA THR A 340 3.05 -5.39 -21.75
C THR A 340 2.03 -6.34 -21.13
N TYR A 341 0.77 -5.88 -21.13
CA TYR A 341 -0.35 -6.62 -20.59
C TYR A 341 -1.20 -7.15 -21.75
N GLN A 342 -1.73 -8.36 -21.60
CA GLN A 342 -2.70 -8.90 -22.55
C GLN A 342 -3.84 -9.56 -21.79
N ILE A 343 -4.40 -8.86 -20.81
CA ILE A 343 -5.49 -9.44 -20.02
C ILE A 343 -6.61 -9.82 -20.97
N TYR A 344 -6.89 -11.12 -21.07
CA TYR A 344 -7.88 -11.62 -22.01
C TYR A 344 -8.65 -12.76 -21.37
N GLN A 345 -9.61 -13.29 -22.12
CA GLN A 345 -10.40 -14.44 -21.66
C GLN A 345 -10.40 -15.52 -22.72
N GLU A 346 -10.33 -15.13 -23.98
CA GLU A 346 -10.30 -16.04 -25.11
C GLU A 346 -9.13 -15.69 -26.02
N PRO A 347 -8.62 -16.65 -26.77
CA PRO A 347 -7.42 -16.39 -27.58
C PRO A 347 -7.64 -15.25 -28.57
N PHE A 348 -6.69 -14.30 -28.56
CA PHE A 348 -6.69 -13.17 -29.48
C PHE A 348 -7.96 -12.33 -29.36
N LYS A 349 -8.43 -12.14 -28.13
CA LYS A 349 -9.53 -11.23 -27.82
C LYS A 349 -9.15 -10.50 -26.53
N ASN A 350 -8.47 -9.37 -26.69
CA ASN A 350 -8.00 -8.62 -25.53
C ASN A 350 -9.18 -8.06 -24.74
N LEU A 351 -8.99 -7.96 -23.44
CA LEU A 351 -9.88 -7.17 -22.58
C LEU A 351 -9.22 -5.92 -22.06
N LYS A 352 -7.89 -5.80 -22.15
CA LYS A 352 -7.15 -4.66 -21.66
C LYS A 352 -5.71 -4.85 -22.08
N THR A 353 -4.95 -3.74 -22.04
CA THR A 353 -3.55 -3.77 -22.40
C THR A 353 -2.86 -2.60 -21.71
N GLY A 354 -1.61 -2.80 -21.33
CA GLY A 354 -0.91 -1.73 -20.64
C GLY A 354 0.60 -1.95 -20.70
N LYS A 355 1.32 -1.04 -20.04
CA LYS A 355 2.77 -1.09 -19.98
C LYS A 355 3.22 -0.73 -18.58
N TYR A 356 4.27 -1.41 -18.11
CA TYR A 356 4.91 -1.09 -16.85
C TYR A 356 6.34 -0.65 -17.13
N ALA A 357 6.71 0.54 -16.66
CA ALA A 357 8.03 1.08 -16.96
C ALA A 357 8.69 1.81 -15.80
N ARG A 358 8.10 1.76 -14.60
CA ARG A 358 8.68 2.48 -13.47
C ARG A 358 9.99 1.82 -13.02
N MET A 359 11.00 2.64 -12.77
CA MET A 359 12.29 2.17 -12.26
C MET A 359 12.30 2.35 -10.75
N ARG A 360 12.05 1.25 -10.02
CA ARG A 360 11.95 1.27 -8.57
C ARG A 360 13.22 0.66 -8.00
N GLY A 361 14.13 1.51 -7.55
CA GLY A 361 15.38 1.06 -6.96
C GLY A 361 16.55 1.41 -7.86
N ALA A 362 17.65 1.85 -7.22
CA ALA A 362 18.83 2.22 -7.99
C ALA A 362 19.62 1.00 -8.46
N HIS A 363 19.35 -0.18 -7.89
CA HIS A 363 20.03 -1.42 -8.29
C HIS A 363 19.02 -2.56 -8.18
N THR A 364 18.38 -2.89 -9.30
CA THR A 364 17.41 -3.96 -9.38
C THR A 364 17.65 -4.76 -10.65
N ASN A 365 16.84 -5.80 -10.87
CA ASN A 365 17.03 -6.67 -12.02
C ASN A 365 15.70 -7.21 -12.51
N ASP A 366 15.79 -8.13 -13.48
CA ASP A 366 14.63 -8.56 -14.26
C ASP A 366 13.60 -9.25 -13.38
N VAL A 367 14.05 -10.06 -12.42
CA VAL A 367 13.08 -10.81 -11.61
C VAL A 367 12.30 -9.88 -10.70
N LYS A 368 13.00 -8.92 -10.08
CA LYS A 368 12.29 -7.95 -9.24
C LYS A 368 11.33 -7.11 -10.05
N GLN A 369 11.72 -6.69 -11.25
CA GLN A 369 10.82 -5.87 -12.05
C GLN A 369 9.63 -6.69 -12.56
N LEU A 370 9.79 -7.99 -12.79
CA LEU A 370 8.67 -8.87 -13.16
C LEU A 370 7.86 -9.17 -11.96
N THR A 371 8.34 -8.86 -10.76
CA THR A 371 7.48 -9.07 -9.59
C THR A 371 6.69 -7.79 -9.33
N GLU A 372 7.19 -6.66 -9.82
CA GLU A 372 6.46 -5.42 -9.67
C GLU A 372 5.45 -5.33 -10.80
N ALA A 373 5.74 -5.96 -11.93
CA ALA A 373 4.80 -6.00 -13.05
C ALA A 373 3.56 -6.82 -12.69
N VAL A 374 3.77 -8.03 -12.17
CA VAL A 374 2.62 -8.87 -11.85
C VAL A 374 1.83 -8.29 -10.68
N GLN A 375 2.51 -7.60 -9.74
CA GLN A 375 1.78 -6.93 -8.67
C GLN A 375 0.86 -5.85 -9.22
N LYS A 376 1.35 -5.05 -10.17
CA LYS A 376 0.51 -4.01 -10.75
C LYS A 376 -0.66 -4.61 -11.51
N ILE A 377 -0.41 -5.67 -12.28
CA ILE A 377 -1.52 -6.34 -12.96
C ILE A 377 -2.55 -6.81 -11.94
N THR A 378 -2.09 -7.40 -10.84
CA THR A 378 -3.02 -7.95 -9.85
C THR A 378 -3.88 -6.85 -9.23
N THR A 379 -3.23 -5.77 -8.77
CA THR A 379 -4.01 -4.72 -8.10
C THR A 379 -4.98 -4.05 -9.07
N GLU A 380 -4.57 -3.79 -10.31
CA GLU A 380 -5.47 -3.18 -11.27
C GLU A 380 -6.62 -4.12 -11.61
N SER A 381 -6.33 -5.42 -11.73
CA SER A 381 -7.38 -6.38 -11.99
C SER A 381 -8.37 -6.45 -10.84
N ILE A 382 -7.88 -6.37 -9.60
CA ILE A 382 -8.80 -6.30 -8.47
C ILE A 382 -9.71 -5.09 -8.60
N VAL A 383 -9.12 -3.91 -8.84
CA VAL A 383 -9.90 -2.68 -8.92
C VAL A 383 -10.97 -2.78 -9.98
N ILE A 384 -10.65 -3.38 -11.13
CA ILE A 384 -11.53 -3.33 -12.28
C ILE A 384 -12.42 -4.54 -12.46
N TRP A 385 -12.12 -5.67 -11.81
CA TRP A 385 -12.85 -6.90 -12.08
C TRP A 385 -13.28 -7.60 -10.79
N GLY A 386 -12.52 -7.40 -9.71
CA GLY A 386 -12.75 -8.13 -8.49
C GLY A 386 -12.03 -9.46 -8.37
N LYS A 387 -11.37 -9.92 -9.43
CA LYS A 387 -10.65 -11.19 -9.41
C LYS A 387 -9.22 -10.99 -9.90
N THR A 388 -8.33 -11.86 -9.42
CA THR A 388 -6.92 -11.90 -9.82
C THR A 388 -6.76 -12.86 -10.99
N PRO A 389 -6.16 -12.44 -12.10
CA PRO A 389 -6.10 -13.28 -13.30
C PRO A 389 -5.05 -14.39 -13.14
N LYS A 390 -5.00 -15.26 -14.15
CA LYS A 390 -4.06 -16.37 -14.21
C LYS A 390 -2.91 -15.97 -15.12
N PHE A 391 -1.80 -15.54 -14.53
CA PHE A 391 -0.68 -15.01 -15.29
C PHE A 391 -0.09 -16.07 -16.22
N LYS A 392 0.63 -15.64 -17.24
CA LYS A 392 1.29 -16.59 -18.13
C LYS A 392 2.67 -16.02 -18.11
N LEU A 393 3.46 -16.49 -17.17
CA LEU A 393 4.76 -15.88 -16.98
C LEU A 393 5.90 -16.26 -17.94
N PRO A 394 6.82 -15.30 -18.24
CA PRO A 394 7.94 -15.71 -19.10
C PRO A 394 8.96 -16.46 -18.25
N ILE A 395 9.15 -16.05 -16.99
CA ILE A 395 10.11 -16.69 -16.11
C ILE A 395 9.94 -18.21 -16.01
N GLN A 396 11.02 -18.90 -15.68
CA GLN A 396 10.99 -20.35 -15.60
C GLN A 396 10.99 -20.79 -14.15
N LYS A 397 10.25 -21.87 -13.89
CA LYS A 397 9.97 -22.29 -12.52
C LYS A 397 11.26 -22.46 -11.72
N GLU A 398 12.28 -23.06 -12.33
CA GLU A 398 13.55 -23.25 -11.63
C GLU A 398 14.16 -21.92 -11.20
N THR A 399 14.15 -20.94 -12.11
CA THR A 399 14.71 -19.63 -11.79
C THR A 399 13.91 -18.94 -10.70
N TRP A 400 12.57 -19.01 -10.78
CA TRP A 400 11.75 -18.35 -9.77
C TRP A 400 11.97 -18.98 -8.40
N GLU A 401 12.05 -20.31 -8.33
CA GLU A 401 12.33 -20.96 -7.06
C GLU A 401 13.69 -20.57 -6.52
N THR A 402 14.71 -20.65 -7.36
CA THR A 402 16.07 -20.30 -6.93
C THR A 402 16.15 -18.85 -6.47
N TRP A 403 15.28 -17.98 -6.98
CA TRP A 403 15.30 -16.59 -6.54
C TRP A 403 14.53 -16.41 -5.24
N TRP A 404 13.30 -16.93 -5.17
CA TRP A 404 12.46 -16.60 -4.01
C TRP A 404 12.86 -17.38 -2.77
N THR A 405 13.39 -18.59 -2.90
CA THR A 405 13.82 -19.30 -1.70
C THR A 405 15.12 -18.73 -1.12
N GLU A 406 15.83 -17.88 -1.86
CA GLU A 406 17.11 -17.38 -1.41
C GLU A 406 17.20 -15.87 -1.27
N TYR A 407 16.19 -15.13 -1.71
CA TYR A 407 16.23 -13.68 -1.52
C TYR A 407 15.77 -13.32 -0.10
N TRP A 408 16.31 -12.21 0.42
CA TRP A 408 16.17 -11.94 1.84
C TRP A 408 14.77 -11.45 2.20
N GLN A 409 14.07 -10.79 1.28
CA GLN A 409 12.70 -10.39 1.53
C GLN A 409 11.76 -11.58 1.30
N ALA A 410 10.47 -11.32 1.28
CA ALA A 410 9.46 -12.33 0.99
C ALA A 410 8.67 -11.90 -0.23
N THR A 411 8.52 -12.81 -1.19
CA THR A 411 7.80 -12.51 -2.41
C THR A 411 6.86 -13.65 -2.76
N TRP A 412 5.80 -13.33 -3.49
CA TRP A 412 4.85 -14.34 -3.93
C TRP A 412 4.16 -13.96 -5.23
N ILE A 413 4.11 -14.92 -6.17
CA ILE A 413 3.39 -14.70 -7.42
C ILE A 413 2.19 -15.61 -7.37
N PRO A 414 0.98 -15.05 -7.45
CA PRO A 414 -0.25 -15.85 -7.35
C PRO A 414 -0.37 -17.19 -8.07
N GLU A 415 -0.27 -17.22 -9.40
CA GLU A 415 -0.43 -18.46 -10.14
C GLU A 415 -0.07 -18.21 -11.59
N TRP A 416 0.58 -19.18 -12.22
CA TRP A 416 1.02 -19.01 -13.59
C TRP A 416 1.53 -20.32 -14.14
N GLU A 417 1.61 -20.39 -15.46
CA GLU A 417 2.33 -21.43 -16.18
C GLU A 417 3.34 -20.75 -17.09
N PHE A 418 4.54 -21.34 -17.15
CA PHE A 418 5.60 -20.79 -17.99
C PHE A 418 5.28 -20.87 -19.47
N VAL A 419 5.38 -19.74 -20.16
CA VAL A 419 5.17 -19.71 -21.60
C VAL A 419 6.49 -19.41 -22.28
N ASN A 420 6.78 -20.16 -23.34
CA ASN A 420 8.07 -20.06 -24.04
C ASN A 420 7.97 -18.95 -25.08
N THR A 421 8.44 -17.76 -24.72
CA THR A 421 8.47 -16.61 -25.61
C THR A 421 9.59 -15.66 -25.21
N PRO A 422 10.65 -15.57 -26.01
CA PRO A 422 11.77 -14.69 -25.66
C PRO A 422 11.38 -13.23 -25.78
N PRO A 423 12.15 -12.31 -25.16
CA PRO A 423 13.36 -12.55 -24.37
C PRO A 423 13.06 -12.99 -22.94
N LEU A 424 13.46 -14.22 -22.60
CA LEU A 424 13.15 -14.78 -21.29
C LEU A 424 13.88 -14.01 -20.20
N VAL A 425 13.35 -14.15 -18.98
CA VAL A 425 13.96 -13.56 -17.79
C VAL A 425 14.67 -14.67 -17.04
N LYS A 426 15.97 -14.50 -16.81
CA LYS A 426 16.77 -15.51 -16.15
C LYS A 426 17.91 -14.82 -15.41
N LEU A 427 18.44 -15.50 -14.41
CA LEU A 427 19.53 -14.94 -13.62
C LEU A 427 20.81 -14.97 -14.41
N TRP A 428 21.38 -13.80 -14.68
CA TRP A 428 22.57 -13.70 -15.50
C TRP A 428 23.77 -14.36 -14.81
N TYR A 429 23.94 -14.13 -13.51
CA TYR A 429 25.05 -14.73 -12.78
C TYR A 429 24.60 -15.10 -11.38
N GLN A 430 25.00 -16.29 -10.95
CA GLN A 430 24.69 -16.80 -9.62
C GLN A 430 25.98 -16.86 -8.80
N LEU A 431 25.99 -16.20 -7.64
CA LEU A 431 27.19 -16.15 -6.81
C LEU A 431 27.48 -17.43 -6.04
N GLU A 432 28.58 -17.45 -5.30
CA GLU A 432 28.93 -18.62 -4.49
C GLU A 432 28.78 -18.33 -3.00
N LYS A 433 28.42 -19.35 -2.23
CA LYS A 433 28.28 -19.18 -0.79
C LYS A 433 29.45 -19.74 0.01
N GLU A 434 30.32 -20.52 -0.62
CA GLU A 434 31.46 -21.11 0.05
C GLU A 434 32.71 -21.01 -0.81
N PRO A 435 33.86 -20.71 -0.23
CA PRO A 435 35.08 -20.55 -1.03
C PRO A 435 35.48 -21.86 -1.68
N ILE A 436 36.02 -21.77 -2.89
CA ILE A 436 36.32 -22.94 -3.70
C ILE A 436 37.80 -23.26 -3.60
N VAL A 437 38.15 -24.46 -4.03
CA VAL A 437 39.52 -24.95 -4.02
C VAL A 437 40.07 -24.83 -5.44
N GLY A 438 41.09 -23.99 -5.61
CA GLY A 438 41.67 -23.76 -6.93
C GLY A 438 41.43 -22.37 -7.44
N ALA A 439 41.35 -21.39 -6.53
CA ALA A 439 41.15 -20.00 -6.88
C ALA A 439 42.04 -19.12 -6.02
N GLU A 440 42.29 -17.91 -6.49
CA GLU A 440 43.15 -16.98 -5.76
C GLU A 440 42.36 -16.35 -4.61
N THR A 441 42.92 -15.31 -4.01
CA THR A 441 42.28 -14.64 -2.88
C THR A 441 42.73 -13.18 -2.89
N PHE A 442 41.79 -12.26 -3.09
CA PHE A 442 42.09 -10.84 -3.20
C PHE A 442 41.65 -10.14 -1.92
N TYR A 443 42.56 -9.39 -1.32
CA TYR A 443 42.22 -8.55 -0.17
C TYR A 443 42.21 -7.10 -0.62
N VAL A 444 41.03 -6.48 -0.65
CA VAL A 444 40.86 -5.15 -1.21
C VAL A 444 40.44 -4.19 -0.11
N ASP A 445 40.68 -2.89 -0.33
CA ASP A 445 40.31 -1.85 0.65
C ASP A 445 40.34 -0.44 0.08
N GLY A 446 39.30 0.34 0.35
CA GLY A 446 39.22 1.72 -0.08
C GLY A 446 39.31 2.76 1.02
N ALA A 447 40.16 3.76 0.84
CA ALA A 447 40.30 4.82 1.83
C ALA A 447 40.42 6.16 1.13
N ALA A 448 39.77 7.17 1.71
CA ALA A 448 39.81 8.53 1.19
C ALA A 448 39.35 9.47 2.30
N ASN A 449 39.61 10.75 2.10
CA ASN A 449 39.21 11.78 3.05
C ASN A 449 38.25 12.77 2.40
N ARG A 450 37.28 13.21 3.19
CA ARG A 450 36.32 14.21 2.70
C ARG A 450 36.99 15.55 2.47
N GLU A 451 37.99 15.89 3.29
CA GLU A 451 38.66 17.18 3.15
C GLU A 451 39.60 17.20 1.95
N THR A 452 40.04 16.03 1.48
CA THR A 452 41.00 15.97 0.38
C THR A 452 40.35 15.71 -0.97
N LYS A 453 39.15 15.13 -0.99
CA LYS A 453 38.46 14.76 -2.23
C LYS A 453 39.30 13.82 -3.08
N LEU A 454 40.21 13.10 -2.45
CA LEU A 454 41.09 12.17 -3.14
C LEU A 454 41.38 10.99 -2.21
N GLY A 455 41.70 9.86 -2.82
CA GLY A 455 42.00 8.67 -2.03
C GLY A 455 42.74 7.65 -2.84
N LYS A 456 43.17 6.59 -2.15
CA LYS A 456 43.90 5.49 -2.76
C LYS A 456 43.19 4.18 -2.47
N ALA A 457 43.09 3.34 -3.50
CA ALA A 457 42.48 2.02 -3.37
C ALA A 457 43.40 0.98 -3.99
N GLY A 458 43.39 -0.22 -3.42
CA GLY A 458 44.26 -1.27 -3.94
C GLY A 458 43.90 -2.62 -3.37
N TYR A 459 44.63 -3.62 -3.86
CA TYR A 459 44.45 -5.00 -3.45
C TYR A 459 45.78 -5.62 -3.12
N VAL A 460 45.77 -6.58 -2.21
CA VAL A 460 46.95 -7.33 -1.79
C VAL A 460 46.56 -8.80 -1.76
N THR A 461 46.86 -9.53 -2.83
CA THR A 461 46.48 -10.92 -2.91
C THR A 461 47.38 -11.76 -2.00
N ASN A 462 47.09 -13.06 -1.92
CA ASN A 462 47.90 -13.96 -1.09
C ASN A 462 49.32 -14.08 -1.62
N LYS A 463 49.47 -14.11 -2.95
CA LYS A 463 50.77 -14.34 -3.56
C LYS A 463 51.65 -13.10 -3.61
N GLY A 464 51.16 -11.95 -3.13
CA GLY A 464 51.97 -10.75 -3.05
C GLY A 464 51.70 -9.70 -4.11
N ARG A 465 50.94 -10.03 -5.15
CA ARG A 465 50.59 -9.05 -6.17
C ARG A 465 49.88 -7.86 -5.54
N GLN A 466 50.26 -6.66 -5.97
CA GLN A 466 49.73 -5.44 -5.35
C GLN A 466 49.63 -4.34 -6.40
N LYS A 467 48.56 -3.56 -6.33
CA LYS A 467 48.35 -2.45 -7.24
C LYS A 467 47.49 -1.40 -6.55
N VAL A 468 48.06 -0.23 -6.30
CA VAL A 468 47.36 0.87 -5.66
C VAL A 468 47.13 1.95 -6.71
N VAL A 469 45.88 2.18 -7.08
CA VAL A 469 45.50 3.13 -8.11
C VAL A 469 44.86 4.33 -7.43
N PRO A 470 45.50 5.50 -7.43
CA PRO A 470 44.92 6.68 -6.77
C PRO A 470 43.92 7.36 -7.67
N LEU A 471 42.77 7.73 -7.11
CA LEU A 471 41.74 8.46 -7.82
C LEU A 471 41.14 9.51 -6.89
N THR A 472 40.60 10.57 -7.50
CA THR A 472 40.02 11.69 -6.77
C THR A 472 38.57 11.88 -7.17
N ASN A 473 37.86 12.67 -6.38
CA ASN A 473 36.46 13.03 -6.59
C ASN A 473 35.51 11.85 -6.46
N THR A 474 36.01 10.68 -6.08
CA THR A 474 35.19 9.49 -5.91
C THR A 474 35.00 9.22 -4.43
N THR A 475 33.74 9.06 -4.02
CA THR A 475 33.42 8.90 -2.61
C THR A 475 33.93 7.55 -2.09
N ASN A 476 33.82 7.35 -0.78
CA ASN A 476 34.33 6.12 -0.17
C ASN A 476 33.65 4.85 -0.65
N GLN A 477 32.32 4.84 -0.65
CA GLN A 477 31.62 3.69 -1.20
C GLN A 477 32.07 3.43 -2.63
N LYS A 478 32.41 4.52 -3.31
CA LYS A 478 32.91 4.34 -4.64
C LYS A 478 34.36 3.85 -4.62
N THR A 479 35.18 4.25 -3.64
CA THR A 479 36.55 3.71 -3.60
C THR A 479 36.49 2.22 -3.43
N GLU A 480 35.54 1.74 -2.63
CA GLU A 480 35.42 0.32 -2.38
C GLU A 480 34.95 -0.38 -3.63
N LEU A 481 33.94 0.16 -4.27
CA LEU A 481 33.46 -0.41 -5.52
C LEU A 481 34.58 -0.52 -6.55
N GLN A 482 35.43 0.50 -6.63
CA GLN A 482 36.59 0.46 -7.52
C GLN A 482 37.54 -0.67 -7.14
N ALA A 483 37.75 -0.87 -5.84
CA ALA A 483 38.63 -1.96 -5.40
C ALA A 483 38.09 -3.31 -5.82
N ILE A 484 36.78 -3.52 -5.67
CA ILE A 484 36.17 -4.76 -6.16
C ILE A 484 36.34 -4.88 -7.67
N TYR A 485 36.21 -3.77 -8.39
CA TYR A 485 36.39 -3.80 -9.83
C TYR A 485 37.81 -4.25 -10.19
N LEU A 486 38.82 -3.70 -9.50
CA LEU A 486 40.20 -4.09 -9.77
C LEU A 486 40.41 -5.56 -9.46
N ALA A 487 39.90 -6.02 -8.31
CA ALA A 487 40.09 -7.42 -7.93
C ALA A 487 39.44 -8.36 -8.94
N LEU A 488 38.29 -7.96 -9.48
CA LEU A 488 37.67 -8.77 -10.52
C LEU A 488 38.51 -8.76 -11.80
N GLN A 489 38.98 -7.58 -12.21
CA GLN A 489 39.67 -7.48 -13.49
C GLN A 489 41.00 -8.23 -13.48
N ASP A 490 41.66 -8.32 -12.32
CA ASP A 490 43.00 -8.89 -12.28
C ASP A 490 43.00 -10.40 -12.52
N SER A 491 42.13 -11.13 -11.82
CA SER A 491 42.24 -12.58 -11.77
C SER A 491 41.54 -13.22 -12.98
N GLY A 492 41.35 -14.52 -12.91
CA GLY A 492 40.76 -15.32 -13.98
C GLY A 492 39.28 -15.57 -13.79
N LEU A 493 38.82 -16.71 -14.31
CA LEU A 493 37.40 -17.01 -14.28
C LEU A 493 36.89 -17.24 -12.86
N GLU A 494 37.68 -17.92 -12.03
CA GLU A 494 37.35 -18.09 -10.62
C GLU A 494 38.20 -17.17 -9.76
N VAL A 495 37.61 -16.65 -8.69
CA VAL A 495 38.33 -15.76 -7.79
C VAL A 495 37.57 -15.67 -6.47
N ASN A 496 38.31 -15.68 -5.37
CA ASN A 496 37.77 -15.37 -4.05
C ASN A 496 38.17 -13.95 -3.70
N ILE A 497 37.19 -13.11 -3.40
CA ILE A 497 37.42 -11.71 -3.09
C ILE A 497 36.95 -11.43 -1.68
N VAL A 498 37.83 -10.86 -0.88
CA VAL A 498 37.48 -10.57 0.50
C VAL A 498 37.41 -9.09 0.86
N THR A 499 36.30 -8.44 0.54
CA THR A 499 36.09 -7.03 0.85
C THR A 499 36.01 -6.78 2.33
N ASN A 500 36.12 -5.54 2.77
CA ASN A 500 35.99 -5.21 4.19
C ASN A 500 34.88 -4.22 4.37
N SER A 501 34.24 -3.81 3.29
CA SER A 501 33.14 -2.84 3.31
C SER A 501 31.76 -3.46 3.48
N GLN A 502 30.93 -2.82 4.30
CA GLN A 502 29.58 -3.33 4.51
C GLN A 502 28.67 -2.98 3.35
N TYR A 503 28.77 -1.74 2.84
CA TYR A 503 27.88 -1.29 1.77
C TYR A 503 28.10 -2.07 0.49
N ALA A 504 29.36 -2.38 0.17
CA ALA A 504 29.68 -2.90 -1.15
C ALA A 504 28.86 -4.15 -1.37
N LEU A 505 28.95 -5.12 -0.46
CA LEU A 505 28.45 -6.47 -0.71
C LEU A 505 26.96 -6.49 -1.03
N GLY A 506 26.21 -5.51 -0.56
CA GLY A 506 24.77 -5.52 -0.77
C GLY A 506 24.41 -5.53 -2.25
N ILE A 507 25.08 -4.68 -3.02
CA ILE A 507 24.81 -4.61 -4.45
C ILE A 507 25.09 -5.94 -5.11
N ILE A 508 26.32 -6.43 -4.98
CA ILE A 508 26.69 -7.68 -5.64
C ILE A 508 25.81 -8.85 -5.24
N GLN A 509 25.44 -8.94 -3.96
CA GLN A 509 24.56 -10.03 -3.53
C GLN A 509 23.13 -9.86 -4.05
N ALA A 510 22.68 -8.62 -4.23
CA ALA A 510 21.35 -8.40 -4.78
C ALA A 510 21.21 -8.93 -6.20
N GLN A 511 22.33 -9.19 -6.88
CA GLN A 511 22.40 -9.68 -8.25
C GLN A 511 21.71 -8.74 -9.23
N PRO A 512 22.18 -7.51 -9.40
CA PRO A 512 21.57 -6.63 -10.39
C PRO A 512 21.98 -7.01 -11.80
N ASP A 513 21.12 -6.63 -12.75
CA ASP A 513 21.45 -6.68 -14.16
C ASP A 513 21.64 -5.30 -14.76
N LYS A 514 21.31 -4.25 -14.00
CA LYS A 514 21.36 -2.88 -14.48
C LYS A 514 21.37 -1.97 -13.26
N SER A 515 22.05 -0.83 -13.40
CA SER A 515 22.14 0.12 -12.29
C SER A 515 22.43 1.50 -12.84
N GLU A 516 22.13 2.53 -12.06
CA GLU A 516 22.42 3.89 -12.46
C GLU A 516 23.93 4.12 -12.58
N SER A 517 24.71 3.54 -11.68
CA SER A 517 26.15 3.80 -11.66
C SER A 517 26.95 2.97 -12.66
N GLU A 518 27.73 3.64 -13.50
CA GLU A 518 28.55 2.94 -14.47
C GLU A 518 29.51 1.98 -13.76
N LEU A 519 30.04 2.38 -12.62
CA LEU A 519 30.90 1.50 -11.84
C LEU A 519 30.20 0.16 -11.61
N VAL A 520 28.95 0.21 -11.13
CA VAL A 520 28.20 -1.01 -10.86
C VAL A 520 27.94 -1.77 -12.15
N ASN A 521 27.73 -1.04 -13.25
CA ASN A 521 27.49 -1.69 -14.54
C ASN A 521 28.72 -2.42 -15.03
N GLN A 522 29.90 -1.86 -14.78
CA GLN A 522 31.15 -2.53 -15.09
C GLN A 522 31.35 -3.77 -14.24
N ILE A 523 31.05 -3.66 -12.95
CA ILE A 523 31.17 -4.82 -12.06
C ILE A 523 30.25 -5.92 -12.56
N ILE A 524 29.04 -5.57 -12.97
CA ILE A 524 28.08 -6.55 -13.49
C ILE A 524 28.64 -7.24 -14.73
N GLU A 525 29.23 -6.46 -15.64
CA GLU A 525 29.85 -7.04 -16.84
C GLU A 525 30.92 -8.05 -16.46
N GLN A 526 31.82 -7.66 -15.56
CA GLN A 526 32.87 -8.57 -15.12
C GLN A 526 32.29 -9.82 -14.51
N LEU A 527 31.28 -9.68 -13.65
CA LEU A 527 30.75 -10.83 -12.93
C LEU A 527 30.00 -11.77 -13.87
N ILE A 528 29.38 -11.25 -14.92
CA ILE A 528 28.82 -12.13 -15.93
C ILE A 528 29.94 -12.86 -16.67
N LYS A 529 31.06 -12.17 -16.93
CA LYS A 529 32.14 -12.80 -17.66
C LYS A 529 32.82 -13.92 -16.86
N LYS A 530 32.99 -13.73 -15.55
CA LYS A 530 33.66 -14.73 -14.74
C LYS A 530 32.82 -16.01 -14.64
N GLU A 531 33.45 -17.06 -14.14
CA GLU A 531 32.79 -18.36 -14.03
C GLU A 531 32.19 -18.59 -12.64
N LYS A 532 33.03 -18.59 -11.60
CA LYS A 532 32.60 -18.86 -10.24
C LYS A 532 33.25 -17.83 -9.32
N VAL A 533 32.45 -16.91 -8.79
CA VAL A 533 32.94 -15.82 -7.95
C VAL A 533 32.36 -16.01 -6.55
N TYR A 534 33.21 -15.86 -5.54
CA TYR A 534 32.79 -15.88 -4.15
C TYR A 534 33.32 -14.62 -3.48
N LEU A 535 32.41 -13.85 -2.88
CA LEU A 535 32.80 -12.71 -2.07
C LEU A 535 32.71 -13.07 -0.60
N ALA A 536 33.27 -12.19 0.24
CA ALA A 536 33.29 -12.44 1.67
C ALA A 536 33.48 -11.13 2.40
N TRP A 537 32.88 -11.04 3.59
CA TRP A 537 33.02 -9.87 4.43
C TRP A 537 34.07 -10.11 5.50
N VAL A 538 34.65 -9.01 5.99
CA VAL A 538 35.60 -9.07 7.08
C VAL A 538 35.50 -7.79 7.90
N PRO A 539 35.38 -7.89 9.23
CA PRO A 539 35.39 -6.69 10.08
C PRO A 539 36.58 -5.81 9.76
N ALA A 540 36.30 -4.55 9.43
CA ALA A 540 37.36 -3.61 9.12
C ALA A 540 38.11 -3.23 10.39
N HIS A 541 39.43 -3.02 10.24
CA HIS A 541 40.29 -2.55 11.32
C HIS A 541 40.31 -3.52 12.51
N LYS A 542 40.69 -4.77 12.23
CA LYS A 542 40.82 -5.74 13.32
C LYS A 542 42.03 -6.67 13.15
N GLY A 543 43.02 -6.30 12.35
CA GLY A 543 44.18 -7.16 12.18
C GLY A 543 43.87 -8.48 11.51
N ILE A 544 43.03 -8.48 10.49
CA ILE A 544 42.58 -9.71 9.85
C ILE A 544 43.28 -9.91 8.51
N GLY A 545 44.40 -10.61 8.53
CA GLY A 545 45.07 -10.97 7.28
C GLY A 545 45.49 -9.75 6.49
N GLY A 546 45.16 -9.76 5.20
CA GLY A 546 45.56 -8.69 4.30
C GLY A 546 44.70 -7.46 4.34
N ASN A 547 43.61 -7.47 5.12
CA ASN A 547 42.77 -6.29 5.23
C ASN A 547 43.58 -5.09 5.73
N GLU A 548 44.26 -5.25 6.87
CA GLU A 548 45.06 -4.15 7.38
C GLU A 548 46.34 -3.97 6.58
N GLN A 549 46.84 -5.04 5.96
CA GLN A 549 48.02 -4.93 5.11
C GLN A 549 47.77 -3.95 3.96
N VAL A 550 46.61 -4.05 3.31
CA VAL A 550 46.29 -3.11 2.25
C VAL A 550 45.75 -1.79 2.82
N ASP A 551 45.16 -1.84 4.02
CA ASP A 551 44.68 -0.61 4.65
C ASP A 551 45.83 0.34 4.95
N LYS A 552 46.94 -0.17 5.44
CA LYS A 552 48.09 0.67 5.73
C LYS A 552 48.62 1.33 4.47
N LEU A 553 48.65 0.58 3.36
CA LEU A 553 49.11 1.16 2.09
C LEU A 553 48.15 2.23 1.59
N VAL A 554 46.84 2.00 1.74
CA VAL A 554 45.85 2.94 1.25
C VAL A 554 45.48 3.94 2.34
N SER A 555 46.16 3.88 3.47
CA SER A 555 45.89 4.77 4.59
C SER A 555 46.08 6.24 4.20
N PRO B 4 -29.80 -0.19 30.00
CA PRO B 4 -29.05 0.54 28.98
C PRO B 4 -27.87 1.29 29.57
N ILE B 5 -26.65 0.89 29.23
CA ILE B 5 -25.46 1.55 29.74
C ILE B 5 -25.43 2.99 29.25
N GLU B 6 -25.41 3.95 30.18
CA GLU B 6 -25.43 5.35 29.81
C GLU B 6 -24.15 5.74 29.07
N THR B 7 -24.30 6.60 28.07
CA THR B 7 -23.20 6.96 27.20
C THR B 7 -22.11 7.69 27.97
N VAL B 8 -20.86 7.39 27.62
CA VAL B 8 -19.68 8.01 28.22
C VAL B 8 -19.07 8.97 27.21
N PRO B 9 -19.06 10.27 27.47
CA PRO B 9 -18.41 11.21 26.54
C PRO B 9 -16.93 10.90 26.39
N VAL B 10 -16.43 11.04 25.16
CA VAL B 10 -15.06 10.72 24.82
C VAL B 10 -14.46 11.92 24.09
N LYS B 11 -13.28 12.36 24.54
CA LYS B 11 -12.57 13.45 23.92
C LYS B 11 -11.41 12.92 23.08
N LEU B 12 -10.72 13.82 22.40
CA LEU B 12 -9.60 13.49 21.54
C LEU B 12 -8.43 14.42 21.83
N LYS B 13 -7.35 14.25 21.08
CA LYS B 13 -6.18 15.08 21.25
C LYS B 13 -6.49 16.53 20.89
N PRO B 14 -5.99 17.50 21.64
CA PRO B 14 -6.30 18.91 21.34
C PRO B 14 -5.73 19.33 19.99
N GLY B 15 -6.60 19.79 19.12
CA GLY B 15 -6.21 20.28 17.80
C GLY B 15 -5.60 19.24 16.88
N MET B 16 -6.17 18.03 16.86
CA MET B 16 -5.72 16.99 15.94
C MET B 16 -6.94 16.24 15.43
N ASP B 17 -7.18 16.33 14.12
CA ASP B 17 -8.41 15.82 13.52
C ASP B 17 -8.42 14.30 13.53
N GLY B 18 -9.54 13.72 13.19
CA GLY B 18 -9.76 12.30 13.31
C GLY B 18 -9.17 11.54 12.14
N PRO B 19 -9.74 10.37 11.85
CA PRO B 19 -9.12 9.48 10.85
C PRO B 19 -9.55 9.77 9.41
N LYS B 20 -8.57 9.86 8.51
CA LYS B 20 -8.83 10.05 7.08
C LYS B 20 -7.89 9.12 6.33
N VAL B 21 -8.37 7.91 6.02
CA VAL B 21 -7.55 6.89 5.39
C VAL B 21 -8.30 6.32 4.18
N LYS B 22 -7.59 6.10 3.09
CA LYS B 22 -8.20 5.61 1.86
C LYS B 22 -8.59 4.14 1.99
N GLN B 23 -9.56 3.75 1.17
CA GLN B 23 -10.06 2.38 1.14
C GLN B 23 -9.35 1.58 0.06
N TRP B 24 -8.66 0.52 0.47
CA TRP B 24 -7.99 -0.35 -0.50
C TRP B 24 -9.00 -1.21 -1.24
N PRO B 25 -8.75 -1.49 -2.52
CA PRO B 25 -9.70 -2.29 -3.31
C PRO B 25 -9.78 -3.73 -2.83
N LEU B 26 -10.96 -4.32 -2.99
CA LEU B 26 -11.27 -5.64 -2.44
C LEU B 26 -11.86 -6.53 -3.52
N THR B 27 -11.76 -7.83 -3.29
CA THR B 27 -12.23 -8.81 -4.25
C THR B 27 -13.75 -8.91 -4.22
N GLU B 28 -14.31 -9.62 -5.20
CA GLU B 28 -15.76 -9.65 -5.38
C GLU B 28 -16.45 -10.39 -4.25
N GLU B 29 -15.92 -11.54 -3.85
CA GLU B 29 -16.55 -12.32 -2.79
C GLU B 29 -16.51 -11.56 -1.47
N LYS B 30 -15.38 -10.91 -1.18
CA LYS B 30 -15.28 -10.12 0.04
C LYS B 30 -16.23 -8.94 0.01
N ILE B 31 -16.40 -8.31 -1.15
CA ILE B 31 -17.35 -7.20 -1.27
C ILE B 31 -18.78 -7.69 -1.04
N LYS B 32 -19.13 -8.83 -1.62
CA LYS B 32 -20.48 -9.38 -1.45
C LYS B 32 -20.75 -9.68 0.03
N ALA B 33 -19.81 -10.36 0.69
CA ALA B 33 -20.00 -10.67 2.10
C ALA B 33 -20.09 -9.40 2.93
N LEU B 34 -19.25 -8.41 2.63
CA LEU B 34 -19.23 -7.16 3.39
C LEU B 34 -20.56 -6.43 3.25
N VAL B 35 -21.11 -6.36 2.03
CA VAL B 35 -22.35 -5.63 1.83
C VAL B 35 -23.51 -6.37 2.46
N GLU B 36 -23.51 -7.71 2.40
CA GLU B 36 -24.59 -8.46 3.06
C GLU B 36 -24.55 -8.24 4.57
N ILE B 37 -23.37 -8.32 5.17
CA ILE B 37 -23.25 -8.11 6.61
C ILE B 37 -23.69 -6.70 6.98
N CYS B 38 -23.27 -5.71 6.19
CA CYS B 38 -23.63 -4.33 6.50
C CYS B 38 -25.13 -4.09 6.37
N THR B 39 -25.77 -4.68 5.35
CA THR B 39 -27.22 -4.53 5.24
C THR B 39 -27.94 -5.17 6.41
N GLU B 40 -27.51 -6.36 6.83
CA GLU B 40 -28.13 -6.98 7.98
C GLU B 40 -27.93 -6.15 9.25
N MET B 41 -26.72 -5.62 9.43
CA MET B 41 -26.44 -4.80 10.62
C MET B 41 -27.23 -3.51 10.62
N GLU B 42 -27.50 -2.94 9.43
CA GLU B 42 -28.40 -1.80 9.37
C GLU B 42 -29.82 -2.21 9.70
N LYS B 43 -30.25 -3.39 9.23
CA LYS B 43 -31.58 -3.90 9.56
C LYS B 43 -31.75 -4.05 11.06
N GLU B 44 -30.68 -4.44 11.77
CA GLU B 44 -30.74 -4.55 13.23
C GLU B 44 -30.34 -3.26 13.94
N GLY B 45 -30.08 -2.18 13.21
CA GLY B 45 -29.85 -0.89 13.83
C GLY B 45 -28.46 -0.63 14.33
N LYS B 46 -27.50 -1.53 14.06
CA LYS B 46 -26.14 -1.30 14.52
C LYS B 46 -25.43 -0.23 13.72
N ILE B 47 -25.69 -0.15 12.41
CA ILE B 47 -25.08 0.85 11.55
C ILE B 47 -26.15 1.60 10.78
N SER B 48 -25.97 2.91 10.65
CA SER B 48 -26.89 3.79 9.95
C SER B 48 -26.13 4.54 8.88
N LYS B 49 -26.71 4.61 7.68
CA LYS B 49 -26.04 5.25 6.55
C LYS B 49 -25.78 6.72 6.85
N ILE B 50 -24.67 7.22 6.32
CA ILE B 50 -24.18 8.55 6.64
C ILE B 50 -23.94 9.31 5.34
N GLY B 51 -24.04 10.64 5.41
CA GLY B 51 -23.92 11.48 4.25
C GLY B 51 -22.49 11.84 3.90
N PRO B 52 -22.31 12.73 2.93
CA PRO B 52 -20.97 13.06 2.43
C PRO B 52 -20.25 14.15 3.20
N GLU B 53 -20.90 14.77 4.20
CA GLU B 53 -20.27 15.84 4.95
C GLU B 53 -19.16 15.34 5.86
N ASN B 54 -19.04 14.03 6.04
CA ASN B 54 -18.02 13.48 6.92
C ASN B 54 -16.64 13.56 6.28
N PRO B 55 -15.69 14.32 6.85
CA PRO B 55 -14.30 14.27 6.39
C PRO B 55 -13.50 13.18 7.11
N TYR B 56 -14.10 11.99 7.25
CA TYR B 56 -13.54 10.94 8.08
C TYR B 56 -13.79 9.59 7.43
N ASN B 57 -12.79 8.72 7.48
CA ASN B 57 -12.90 7.40 6.90
C ASN B 57 -11.83 6.50 7.50
N THR B 58 -12.16 5.23 7.68
CA THR B 58 -11.24 4.16 8.04
C THR B 58 -11.48 2.96 7.15
N PRO B 59 -10.45 2.18 6.86
CA PRO B 59 -10.61 1.03 5.95
C PRO B 59 -11.53 -0.03 6.51
N VAL B 60 -11.75 -1.07 5.71
CA VAL B 60 -12.58 -2.20 6.13
C VAL B 60 -12.19 -3.41 5.29
N PHE B 61 -12.06 -4.55 5.94
CA PHE B 61 -11.70 -5.80 5.28
C PHE B 61 -12.61 -6.91 5.78
N ALA B 62 -12.80 -7.93 4.96
CA ALA B 62 -13.60 -9.09 5.31
C ALA B 62 -12.69 -10.32 5.36
N ILE B 63 -12.65 -10.97 6.52
CA ILE B 63 -11.76 -12.10 6.76
C ILE B 63 -12.57 -13.29 7.24
N LYS B 64 -12.28 -14.46 6.69
CA LYS B 64 -12.90 -15.70 7.13
C LYS B 64 -12.03 -16.32 8.22
N LYS B 65 -12.55 -16.40 9.44
CA LYS B 65 -11.74 -16.84 10.56
C LYS B 65 -11.58 -18.37 10.55
N LYS B 66 -10.73 -18.85 11.46
CA LYS B 66 -10.34 -20.26 11.47
C LYS B 66 -11.55 -21.15 11.75
N ASP B 67 -11.66 -22.22 10.96
CA ASP B 67 -12.73 -23.21 11.11
C ASP B 67 -14.11 -22.56 11.05
N SER B 68 -14.25 -21.57 10.18
CA SER B 68 -15.50 -20.86 9.98
C SER B 68 -15.75 -20.71 8.49
N THR B 69 -17.02 -20.54 8.13
CA THR B 69 -17.41 -20.41 6.74
C THR B 69 -18.12 -19.11 6.41
N LYS B 70 -18.38 -18.24 7.38
CA LYS B 70 -18.95 -16.92 7.14
C LYS B 70 -17.94 -15.85 7.47
N TRP B 71 -17.84 -14.85 6.60
CA TRP B 71 -16.87 -13.78 6.76
C TRP B 71 -17.26 -12.87 7.93
N ARG B 72 -16.26 -12.24 8.53
CA ARG B 72 -16.45 -11.35 9.65
C ARG B 72 -15.83 -10.00 9.33
N LYS B 73 -16.63 -8.95 9.38
CA LYS B 73 -16.15 -7.62 9.02
C LYS B 73 -15.12 -7.13 10.02
N LEU B 74 -13.95 -6.75 9.51
CA LEU B 74 -12.88 -6.17 10.32
C LEU B 74 -12.61 -4.77 9.83
N VAL B 75 -12.64 -3.80 10.73
CA VAL B 75 -12.46 -2.39 10.40
C VAL B 75 -11.17 -1.91 11.04
N ASP B 76 -10.21 -1.51 10.22
CA ASP B 76 -8.96 -0.96 10.75
C ASP B 76 -9.26 0.30 11.55
N PHE B 77 -8.67 0.38 12.74
CA PHE B 77 -8.91 1.49 13.65
C PHE B 77 -7.61 2.08 14.18
N ARG B 78 -6.50 1.88 13.47
CA ARG B 78 -5.20 2.30 14.01
C ARG B 78 -5.11 3.81 14.19
N GLU B 79 -5.58 4.57 13.21
CA GLU B 79 -5.52 6.03 13.34
C GLU B 79 -6.39 6.51 14.50
N LEU B 80 -7.59 5.94 14.62
CA LEU B 80 -8.47 6.32 15.72
C LEU B 80 -7.85 5.97 17.07
N ASN B 81 -7.20 4.81 17.16
CA ASN B 81 -6.55 4.43 18.41
C ASN B 81 -5.38 5.34 18.74
N LYS B 82 -4.54 5.64 17.76
CA LYS B 82 -3.39 6.50 18.03
C LYS B 82 -3.82 7.90 18.44
N ARG B 83 -4.88 8.42 17.83
CA ARG B 83 -5.31 9.78 18.17
C ARG B 83 -6.34 9.84 19.29
N THR B 84 -6.84 8.70 19.76
CA THR B 84 -7.79 8.70 20.86
C THR B 84 -7.06 9.02 22.16
N GLN B 85 -7.23 10.24 22.67
CA GLN B 85 -6.48 10.63 23.85
C GLN B 85 -7.14 10.34 25.19
N ASP B 86 -6.39 10.47 26.28
CA ASP B 86 -6.92 10.26 27.62
C ASP B 86 -7.33 8.83 27.98
N PHE B 87 -7.40 7.93 27.01
CA PHE B 87 -7.89 6.61 27.31
C PHE B 87 -6.78 5.77 27.88
N TRP B 88 -5.54 6.15 27.62
CA TRP B 88 -4.42 5.45 28.24
C TRP B 88 -4.34 5.77 29.74
N GLU B 89 -4.60 7.03 30.11
CA GLU B 89 -4.49 7.47 31.49
C GLU B 89 -5.78 7.33 32.29
N VAL B 90 -6.90 7.11 31.60
CA VAL B 90 -8.14 6.85 32.32
C VAL B 90 -8.00 5.49 33.00
N GLN B 91 -8.54 5.36 34.21
CA GLN B 91 -8.37 4.16 35.00
C GLN B 91 -9.06 2.94 34.39
N LEU B 92 -9.71 3.13 33.25
CA LEU B 92 -10.32 1.99 32.55
C LEU B 92 -9.27 1.05 31.98
N GLY B 93 -8.01 1.47 31.92
CA GLY B 93 -6.96 0.55 31.51
C GLY B 93 -6.77 -0.57 32.51
N ILE B 94 -6.34 -1.72 32.00
CA ILE B 94 -6.26 -2.94 32.80
C ILE B 94 -4.84 -3.08 33.34
N PRO B 95 -4.65 -3.27 34.65
CA PRO B 95 -3.34 -3.71 35.14
C PRO B 95 -3.01 -5.09 34.59
N HIS B 96 -1.72 -5.31 34.32
CA HIS B 96 -1.29 -6.53 33.64
C HIS B 96 -0.89 -7.59 34.66
N PRO B 97 -1.51 -8.78 34.63
CA PRO B 97 -1.10 -9.84 35.55
C PRO B 97 0.24 -10.42 35.15
N ALA B 98 1.20 -10.38 36.06
CA ALA B 98 2.55 -10.86 35.80
C ALA B 98 2.67 -12.38 35.95
N GLY B 99 1.58 -13.07 36.23
CA GLY B 99 1.62 -14.51 36.37
C GLY B 99 1.18 -15.26 35.14
N LEU B 100 0.64 -14.53 34.15
CA LEU B 100 0.17 -15.17 32.93
C LEU B 100 1.31 -15.71 32.08
N LYS B 101 2.52 -15.14 32.21
CA LYS B 101 3.65 -15.64 31.45
C LYS B 101 3.99 -17.09 31.81
N LYS B 102 3.74 -17.48 33.06
CA LYS B 102 4.07 -18.80 33.57
C LYS B 102 2.78 -19.57 33.81
N LYS B 103 2.30 -20.25 32.77
CA LYS B 103 1.06 -21.01 32.86
C LYS B 103 1.11 -22.15 31.86
N LYS B 104 0.45 -23.26 32.20
CA LYS B 104 0.51 -24.45 31.36
C LYS B 104 -0.24 -24.25 30.05
N SER B 105 -1.40 -23.60 30.09
CA SER B 105 -2.20 -23.44 28.90
C SER B 105 -2.92 -22.10 28.95
N VAL B 106 -3.25 -21.59 27.76
CA VAL B 106 -4.01 -20.35 27.60
C VAL B 106 -5.00 -20.57 26.46
N THR B 107 -6.24 -20.14 26.67
CA THR B 107 -7.28 -20.25 25.66
C THR B 107 -7.86 -18.88 25.39
N VAL B 108 -8.24 -18.63 24.13
CA VAL B 108 -8.79 -17.35 23.71
C VAL B 108 -10.26 -17.55 23.36
N LEU B 109 -11.03 -16.47 23.47
CA LEU B 109 -12.46 -16.52 23.22
C LEU B 109 -12.89 -15.32 22.41
N ASP B 110 -13.96 -15.49 21.63
CA ASP B 110 -14.48 -14.45 20.75
C ASP B 110 -15.63 -13.75 21.45
N VAL B 111 -15.29 -12.86 22.38
CA VAL B 111 -16.28 -12.15 23.17
C VAL B 111 -16.52 -10.77 22.55
N GLY B 112 -16.11 -10.63 21.28
CA GLY B 112 -16.28 -9.36 20.60
C GLY B 112 -17.73 -8.98 20.36
N ASP B 113 -18.59 -9.96 20.10
CA ASP B 113 -19.99 -9.66 19.81
C ASP B 113 -20.70 -9.03 21.01
N ALA B 114 -20.18 -9.26 22.22
CA ALA B 114 -20.80 -8.69 23.41
C ALA B 114 -20.72 -7.16 23.45
N TYR B 115 -19.84 -6.55 22.65
CA TYR B 115 -19.75 -5.10 22.64
C TYR B 115 -20.90 -4.44 21.88
N PHE B 116 -21.71 -5.21 21.17
CA PHE B 116 -22.76 -4.63 20.33
C PHE B 116 -23.88 -3.98 21.14
N SER B 117 -24.01 -4.33 22.43
CA SER B 117 -25.18 -3.94 23.19
C SER B 117 -25.03 -2.60 23.90
N VAL B 118 -23.86 -1.97 23.78
CA VAL B 118 -23.63 -0.69 24.44
C VAL B 118 -23.60 0.46 23.44
N PRO B 119 -24.54 1.41 23.58
CA PRO B 119 -24.60 2.56 22.66
C PRO B 119 -23.34 3.42 22.71
N LEU B 120 -22.97 4.02 21.59
CA LEU B 120 -21.75 4.82 21.53
C LEU B 120 -22.10 6.30 21.73
N ASP B 121 -21.13 7.04 22.26
CA ASP B 121 -21.29 8.48 22.45
C ASP B 121 -21.60 9.17 21.13
N GLU B 122 -22.60 10.06 21.16
CA GLU B 122 -23.08 10.67 19.92
C GLU B 122 -22.21 11.81 19.43
N ASP B 123 -21.53 12.53 20.33
CA ASP B 123 -20.66 13.62 19.90
C ASP B 123 -19.42 13.10 19.18
N PHE B 124 -18.82 12.03 19.71
CA PHE B 124 -17.66 11.40 19.10
C PHE B 124 -18.04 10.45 17.96
N ARG B 125 -19.33 10.16 17.82
CA ARG B 125 -19.81 9.21 16.82
C ARG B 125 -19.39 9.46 15.37
N LYS B 126 -19.16 10.72 14.99
CA LYS B 126 -18.77 11.02 13.62
C LYS B 126 -17.45 10.44 13.11
N TYR B 127 -16.68 9.78 13.97
CA TYR B 127 -15.33 9.37 13.61
C TYR B 127 -15.22 7.91 13.19
N THR B 128 -16.24 7.10 13.42
CA THR B 128 -16.21 5.69 13.04
C THR B 128 -16.69 5.45 11.62
N ALA B 129 -16.60 6.44 10.75
CA ALA B 129 -17.08 6.31 9.38
C ALA B 129 -16.25 5.30 8.60
N PHE B 130 -16.94 4.52 7.77
CA PHE B 130 -16.27 3.54 6.92
C PHE B 130 -17.01 3.40 5.60
N THR B 131 -16.30 3.09 4.52
CA THR B 131 -16.88 2.99 3.19
C THR B 131 -16.75 1.58 2.67
N ILE B 132 -17.77 1.11 1.96
CA ILE B 132 -17.73 -0.17 1.26
C ILE B 132 -17.55 0.13 -0.22
N PRO B 133 -16.39 -0.19 -0.81
CA PRO B 133 -16.16 0.19 -2.21
C PRO B 133 -17.03 -0.57 -3.18
N SER B 134 -16.94 -0.24 -4.46
CA SER B 134 -17.71 -0.92 -5.49
C SER B 134 -16.79 -1.40 -6.59
N ILE B 135 -17.19 -2.49 -7.24
CA ILE B 135 -16.39 -3.10 -8.29
C ILE B 135 -16.51 -2.28 -9.56
N ASN B 136 -15.37 -1.95 -10.17
CA ASN B 136 -15.30 -1.19 -11.41
C ASN B 136 -15.84 0.22 -11.24
N ASN B 137 -15.95 0.69 -10.00
CA ASN B 137 -16.51 2.01 -9.70
C ASN B 137 -17.89 2.18 -10.31
N GLU B 138 -18.69 1.12 -10.27
CA GLU B 138 -20.05 1.19 -10.78
C GLU B 138 -20.87 2.20 -10.00
N THR B 139 -20.77 2.16 -8.67
CA THR B 139 -21.53 3.08 -7.83
C THR B 139 -20.58 3.75 -6.85
N PRO B 140 -21.02 4.84 -6.19
CA PRO B 140 -20.14 5.43 -5.17
C PRO B 140 -20.05 4.58 -3.89
N GLY B 141 -19.15 4.94 -2.99
CA GLY B 141 -19.02 4.20 -1.76
C GLY B 141 -20.30 4.13 -0.95
N ILE B 142 -20.65 2.93 -0.48
CA ILE B 142 -21.86 2.73 0.32
C ILE B 142 -21.45 3.00 1.77
N ARG B 143 -21.45 4.28 2.13
CA ARG B 143 -20.96 4.67 3.45
C ARG B 143 -21.91 4.32 4.58
N TYR B 144 -21.35 4.12 5.76
CA TYR B 144 -22.08 3.61 6.91
C TYR B 144 -21.41 4.15 8.17
N GLN B 145 -22.02 3.92 9.32
CA GLN B 145 -21.45 4.35 10.58
C GLN B 145 -22.01 3.53 11.72
N TYR B 146 -21.18 3.03 12.63
CA TYR B 146 -21.61 2.27 13.81
C TYR B 146 -22.62 3.13 14.54
N ASN B 147 -23.50 2.48 15.30
CA ASN B 147 -24.33 3.13 16.29
C ASN B 147 -24.04 2.63 17.70
N VAL B 148 -23.13 1.68 17.84
CA VAL B 148 -22.81 1.04 19.11
C VAL B 148 -21.30 1.04 19.27
N LEU B 149 -20.82 0.36 20.31
CA LEU B 149 -19.38 0.26 20.53
C LEU B 149 -18.72 -0.47 19.37
N PRO B 150 -17.65 0.07 18.80
CA PRO B 150 -16.99 -0.59 17.67
C PRO B 150 -16.07 -1.70 18.14
N GLN B 151 -15.74 -2.58 17.19
CA GLN B 151 -14.82 -3.69 17.44
C GLN B 151 -13.45 -3.33 16.88
N GLY B 152 -12.52 -2.99 17.76
CA GLY B 152 -11.17 -2.68 17.33
C GLY B 152 -10.64 -1.40 17.92
N TRP B 153 -11.54 -0.53 18.38
CA TRP B 153 -11.13 0.70 19.02
C TRP B 153 -10.57 0.40 20.41
N LYS B 154 -9.53 1.15 20.79
CA LYS B 154 -8.92 0.95 22.10
C LYS B 154 -9.83 1.39 23.23
N GLY B 155 -10.84 2.19 22.94
CA GLY B 155 -11.78 2.62 23.96
C GLY B 155 -12.95 1.70 24.19
N SER B 156 -13.24 0.79 23.26
CA SER B 156 -14.37 -0.13 23.46
C SER B 156 -14.19 -1.03 24.67
N PRO B 157 -13.10 -1.80 24.82
CA PRO B 157 -12.93 -2.55 26.07
C PRO B 157 -12.80 -1.64 27.28
N ALA B 158 -12.21 -0.45 27.14
CA ALA B 158 -12.09 0.45 28.26
C ALA B 158 -13.46 0.85 28.81
N ILE B 159 -14.39 1.17 27.91
CA ILE B 159 -15.75 1.51 28.34
C ILE B 159 -16.48 0.27 28.86
N PHE B 160 -16.21 -0.89 28.28
CA PHE B 160 -16.90 -2.11 28.70
C PHE B 160 -16.26 -2.77 29.91
N GLN B 161 -15.21 -2.18 30.48
CA GLN B 161 -14.57 -2.75 31.66
C GLN B 161 -15.55 -2.98 32.80
N SER B 162 -16.42 -2.02 33.09
CA SER B 162 -17.31 -2.16 34.23
C SER B 162 -18.25 -3.34 34.07
N SER B 163 -18.90 -3.43 32.91
CA SER B 163 -19.84 -4.52 32.68
C SER B 163 -19.13 -5.86 32.53
N MET B 164 -17.87 -5.85 32.11
CA MET B 164 -17.13 -7.11 32.04
C MET B 164 -16.67 -7.56 33.41
N THR B 165 -16.25 -6.63 34.26
CA THR B 165 -15.87 -6.97 35.62
C THR B 165 -17.06 -7.47 36.43
N LYS B 166 -18.24 -6.90 36.19
CA LYS B 166 -19.43 -7.36 36.90
C LYS B 166 -19.73 -8.83 36.60
N ILE B 167 -19.17 -9.39 35.53
CA ILE B 167 -19.38 -10.78 35.17
C ILE B 167 -18.15 -11.58 35.60
N LEU B 168 -16.98 -10.96 35.54
CA LEU B 168 -15.73 -11.66 35.85
C LEU B 168 -15.54 -11.93 37.34
N GLU B 169 -15.86 -10.95 38.18
CA GLU B 169 -15.62 -11.11 39.61
C GLU B 169 -16.24 -12.39 40.23
N PRO B 170 -17.50 -12.79 39.85
CA PRO B 170 -17.95 -14.04 40.46
C PRO B 170 -17.05 -15.22 40.11
N PHE B 171 -16.67 -15.36 38.84
CA PHE B 171 -15.84 -16.48 38.43
C PHE B 171 -14.45 -16.40 39.04
N LYS B 172 -13.85 -15.20 39.06
CA LYS B 172 -12.54 -15.02 39.67
C LYS B 172 -12.58 -15.29 41.17
N LYS B 173 -13.62 -14.82 41.85
CA LYS B 173 -13.77 -15.07 43.28
C LYS B 173 -13.91 -16.55 43.56
N GLN B 174 -14.73 -17.25 42.76
CA GLN B 174 -14.92 -18.68 42.96
C GLN B 174 -13.63 -19.45 42.73
N ASN B 175 -12.91 -19.12 41.66
CA ASN B 175 -11.67 -19.82 41.31
C ASN B 175 -10.52 -18.84 41.25
N PRO B 176 -9.74 -18.69 42.33
CA PRO B 176 -8.62 -17.75 42.30
C PRO B 176 -7.45 -18.21 41.46
N ASP B 177 -7.39 -19.50 41.09
CA ASP B 177 -6.28 -19.99 40.28
C ASP B 177 -6.28 -19.37 38.90
N ILE B 178 -7.44 -19.29 38.25
CA ILE B 178 -7.52 -18.83 36.87
C ILE B 178 -7.26 -17.33 36.80
N VAL B 179 -6.35 -16.93 35.92
CA VAL B 179 -6.04 -15.53 35.65
C VAL B 179 -6.65 -15.18 34.30
N ILE B 180 -7.32 -14.02 34.24
CA ILE B 180 -8.01 -13.57 33.03
C ILE B 180 -7.46 -12.22 32.63
N TYR B 181 -7.17 -12.06 31.34
CA TYR B 181 -6.72 -10.80 30.77
C TYR B 181 -7.54 -10.50 29.52
N GLN B 182 -7.74 -9.22 29.23
CA GLN B 182 -8.53 -8.82 28.07
C GLN B 182 -7.85 -7.78 27.22
N TYR B 183 -7.63 -8.08 25.94
CA TYR B 183 -7.05 -7.09 25.00
C TYR B 183 -8.00 -7.01 23.83
N MET B 184 -8.51 -5.82 23.52
CA MET B 184 -9.49 -5.65 22.43
C MET B 184 -10.70 -6.59 22.58
N ASP B 185 -10.99 -7.39 21.55
CA ASP B 185 -12.15 -8.25 21.60
C ASP B 185 -11.83 -9.56 22.25
N ASP B 186 -10.56 -9.72 22.64
CA ASP B 186 -10.12 -11.03 23.13
C ASP B 186 -9.94 -11.27 24.60
N LEU B 187 -10.48 -12.39 25.05
CA LEU B 187 -10.31 -12.81 26.43
C LEU B 187 -9.21 -13.81 26.54
N TYR B 188 -8.16 -13.45 27.26
CA TYR B 188 -7.05 -14.37 27.50
C TYR B 188 -7.22 -14.97 28.88
N VAL B 189 -7.49 -16.28 28.92
CA VAL B 189 -7.78 -17.01 30.14
C VAL B 189 -6.89 -18.23 30.20
N GLY B 190 -6.25 -18.44 31.35
CA GLY B 190 -5.30 -19.53 31.49
C GLY B 190 -5.30 -20.10 32.88
N SER B 191 -4.76 -21.32 32.99
CA SER B 191 -4.70 -22.02 34.27
C SER B 191 -3.60 -23.07 34.21
N ASP B 192 -3.20 -23.54 35.39
CA ASP B 192 -2.19 -24.58 35.50
C ASP B 192 -2.78 -25.99 35.46
N LEU B 193 -4.08 -26.11 35.24
CA LEU B 193 -4.72 -27.41 35.20
C LEU B 193 -4.27 -28.20 33.96
N GLU B 194 -4.63 -29.48 33.94
CA GLU B 194 -4.38 -30.31 32.77
C GLU B 194 -5.34 -29.92 31.66
N ILE B 195 -5.25 -30.63 30.53
CA ILE B 195 -6.07 -30.29 29.37
C ILE B 195 -7.55 -30.50 29.67
N GLY B 196 -7.90 -31.62 30.32
CA GLY B 196 -9.31 -31.88 30.58
C GLY B 196 -9.92 -30.87 31.52
N GLN B 197 -9.24 -30.59 32.63
CA GLN B 197 -9.75 -29.63 33.60
C GLN B 197 -9.81 -28.23 32.99
N HIS B 198 -8.80 -27.86 32.21
CA HIS B 198 -8.80 -26.55 31.56
C HIS B 198 -9.98 -26.43 30.60
N ARG B 199 -10.23 -27.45 29.79
CA ARG B 199 -11.34 -27.39 28.85
C ARG B 199 -12.68 -27.35 29.58
N THR B 200 -12.81 -28.11 30.67
CA THR B 200 -14.05 -28.08 31.44
C THR B 200 -14.30 -26.72 32.05
N LYS B 201 -13.26 -26.10 32.63
CA LYS B 201 -13.42 -24.78 33.21
C LYS B 201 -13.73 -23.73 32.15
N ILE B 202 -13.12 -23.86 30.96
CA ILE B 202 -13.42 -22.92 29.90
C ILE B 202 -14.85 -23.09 29.40
N GLU B 203 -15.34 -24.33 29.39
CA GLU B 203 -16.74 -24.57 29.02
C GLU B 203 -17.59 -23.85 30.04
N GLU B 204 -17.44 -24.18 31.32
CA GLU B 204 -18.13 -23.42 32.36
C GLU B 204 -18.13 -21.90 32.17
N LEU B 205 -16.97 -21.33 31.86
CA LEU B 205 -16.89 -19.88 31.66
C LEU B 205 -17.73 -19.43 30.47
N ARG B 206 -17.64 -20.14 29.36
CA ARG B 206 -18.42 -19.76 28.19
C ARG B 206 -19.92 -19.93 28.46
N GLN B 207 -20.29 -20.99 29.18
CA GLN B 207 -21.70 -21.14 29.56
C GLN B 207 -22.16 -19.98 30.44
N HIS B 208 -21.30 -19.53 31.35
CA HIS B 208 -21.64 -18.38 32.19
C HIS B 208 -21.87 -17.15 31.34
N LEU B 209 -20.98 -16.88 30.38
CA LEU B 209 -21.14 -15.72 29.51
C LEU B 209 -22.42 -15.83 28.68
N LEU B 210 -22.70 -17.01 28.12
CA LEU B 210 -23.88 -17.18 27.30
C LEU B 210 -25.16 -17.02 28.11
N ARG B 211 -25.17 -17.55 29.34
CA ARG B 211 -26.33 -17.39 30.20
C ARG B 211 -26.53 -15.94 30.61
N TRP B 212 -25.44 -15.20 30.86
CA TRP B 212 -25.56 -13.78 31.12
C TRP B 212 -26.15 -13.05 29.92
N GLY B 213 -25.70 -13.40 28.71
CA GLY B 213 -26.26 -12.78 27.52
C GLY B 213 -27.73 -13.10 27.35
N LEU B 214 -28.13 -14.33 27.65
CA LEU B 214 -29.54 -14.71 27.58
C LEU B 214 -30.38 -13.93 28.58
N THR B 215 -29.89 -13.82 29.82
CA THR B 215 -30.66 -13.14 30.86
C THR B 215 -30.75 -11.64 30.60
N THR B 216 -29.66 -11.01 30.21
CA THR B 216 -29.64 -9.58 29.96
C THR B 216 -29.79 -9.27 28.48
N PRO B 226 -16.46 -14.97 13.85
CA PRO B 226 -17.91 -14.91 13.70
C PRO B 226 -18.65 -16.10 14.33
N PHE B 227 -17.92 -17.15 14.67
CA PHE B 227 -18.55 -18.32 15.30
C PHE B 227 -18.26 -18.13 16.77
N LEU B 228 -19.27 -18.35 17.61
CA LEU B 228 -19.07 -18.25 19.05
C LEU B 228 -18.54 -19.55 19.66
N TRP B 229 -18.37 -20.60 18.87
CA TRP B 229 -17.89 -21.89 19.35
C TRP B 229 -16.40 -22.08 19.11
N MET B 230 -15.70 -21.07 18.61
CA MET B 230 -14.28 -21.22 18.27
C MET B 230 -13.41 -21.24 19.53
N GLY B 231 -12.25 -21.87 19.39
CA GLY B 231 -11.30 -21.97 20.48
C GLY B 231 -9.89 -22.22 20.01
N TYR B 232 -8.93 -21.44 20.52
CA TYR B 232 -7.54 -21.53 20.14
C TYR B 232 -6.70 -21.72 21.39
N GLU B 233 -5.72 -22.62 21.32
CA GLU B 233 -4.91 -23.00 22.46
C GLU B 233 -3.52 -22.40 22.38
N LEU B 234 -2.96 -22.09 23.54
CA LEU B 234 -1.62 -21.54 23.65
C LEU B 234 -0.93 -22.15 24.85
N HIS B 235 0.40 -22.21 24.81
CA HIS B 235 1.20 -22.83 25.87
C HIS B 235 2.40 -21.95 26.19
N PRO B 236 2.25 -21.03 27.14
CA PRO B 236 3.36 -20.12 27.47
C PRO B 236 4.59 -20.80 28.05
N ASP B 237 4.46 -22.01 28.61
CA ASP B 237 5.61 -22.65 29.25
C ASP B 237 6.66 -23.15 28.27
N LYS B 238 6.36 -23.18 26.97
CA LYS B 238 7.30 -23.67 25.97
C LYS B 238 7.98 -22.54 25.20
N TRP B 239 8.25 -21.42 25.88
CA TRP B 239 8.90 -20.27 25.26
C TRP B 239 10.18 -19.98 26.04
N THR B 240 11.30 -19.96 25.32
CA THR B 240 12.60 -19.65 25.92
C THR B 240 13.36 -18.69 25.02
N VAL B 241 13.88 -17.61 25.62
CA VAL B 241 14.78 -16.73 24.90
C VAL B 241 16.01 -17.52 24.46
N GLN B 242 16.40 -17.37 23.20
CA GLN B 242 17.46 -18.20 22.63
C GLN B 242 18.73 -17.39 22.45
N PRO B 243 19.75 -17.58 23.31
CA PRO B 243 21.04 -16.94 23.06
C PRO B 243 21.69 -17.52 21.80
N ILE B 244 22.46 -16.66 21.12
CA ILE B 244 23.20 -17.09 19.95
C ILE B 244 24.39 -17.94 20.37
N VAL B 245 24.63 -19.02 19.62
CA VAL B 245 25.69 -19.97 19.95
C VAL B 245 26.67 -20.04 18.80
N LEU B 246 27.97 -20.06 19.13
CA LEU B 246 29.02 -20.16 18.11
C LEU B 246 29.14 -21.58 17.56
N PRO B 247 29.53 -21.72 16.29
CA PRO B 247 29.63 -23.05 15.67
C PRO B 247 30.63 -24.00 16.35
N GLU B 248 30.25 -25.26 16.51
CA GLU B 248 31.13 -26.26 17.11
C GLU B 248 32.05 -26.87 16.08
N LYS B 249 33.36 -26.76 16.30
CA LYS B 249 34.31 -27.26 15.31
C LYS B 249 35.69 -27.45 15.92
N ASP B 250 36.51 -28.28 15.29
CA ASP B 250 37.88 -28.49 15.74
C ASP B 250 38.93 -28.24 14.65
N SER B 251 38.60 -28.53 13.40
CA SER B 251 39.47 -28.21 12.27
C SER B 251 38.91 -26.96 11.58
N TRP B 252 39.68 -25.88 11.58
CA TRP B 252 39.20 -24.58 11.15
C TRP B 252 39.99 -24.08 9.95
N THR B 253 39.27 -23.51 8.99
CA THR B 253 39.88 -22.84 7.85
C THR B 253 39.90 -21.33 8.08
N VAL B 254 40.64 -20.63 7.23
CA VAL B 254 40.77 -19.19 7.39
C VAL B 254 39.43 -18.49 7.21
N ASN B 255 38.64 -18.93 6.22
CA ASN B 255 37.33 -18.32 6.00
C ASN B 255 36.44 -18.51 7.21
N ASP B 256 36.42 -19.71 7.79
CA ASP B 256 35.58 -19.95 8.96
C ASP B 256 36.08 -19.16 10.16
N ILE B 257 37.40 -19.05 10.33
CA ILE B 257 37.94 -18.27 11.43
C ILE B 257 37.54 -16.81 11.31
N GLN B 258 37.65 -16.24 10.10
CA GLN B 258 37.33 -14.83 9.94
C GLN B 258 35.82 -14.58 10.02
N LYS B 259 35.00 -15.53 9.55
CA LYS B 259 33.55 -15.32 9.69
C LYS B 259 33.11 -15.50 11.14
N LEU B 260 33.81 -16.34 11.92
CA LEU B 260 33.54 -16.39 13.35
C LEU B 260 33.99 -15.11 14.04
N VAL B 261 35.07 -14.49 13.58
CA VAL B 261 35.44 -13.17 14.09
C VAL B 261 34.34 -12.17 13.77
N GLY B 262 33.79 -12.26 12.56
CA GLY B 262 32.66 -11.41 12.21
C GLY B 262 31.46 -11.63 13.10
N LYS B 263 31.17 -12.90 13.43
CA LYS B 263 30.07 -13.19 14.34
C LYS B 263 30.34 -12.67 15.74
N LEU B 264 31.60 -12.76 16.19
CA LEU B 264 31.96 -12.20 17.50
C LEU B 264 31.77 -10.69 17.52
N ASN B 265 32.11 -10.02 16.42
CA ASN B 265 31.84 -8.58 16.34
C ASN B 265 30.32 -8.37 16.37
N TRP B 266 29.58 -9.17 15.60
CA TRP B 266 28.12 -9.05 15.60
C TRP B 266 27.57 -9.18 17.01
N ALA B 267 28.22 -9.99 17.84
CA ALA B 267 27.82 -10.17 19.22
C ALA B 267 28.50 -9.19 20.16
N SER B 268 29.35 -8.30 19.66
CA SER B 268 30.05 -7.34 20.50
C SER B 268 29.12 -6.23 20.99
N GLN B 269 28.03 -6.00 20.26
CA GLN B 269 27.06 -5.00 20.68
C GLN B 269 26.02 -5.58 21.65
N ILE B 270 25.95 -6.90 21.73
CA ILE B 270 25.01 -7.52 22.66
C ILE B 270 25.61 -7.65 24.05
N TYR B 271 26.85 -8.13 24.15
CA TYR B 271 27.54 -8.29 25.42
C TYR B 271 28.87 -7.57 25.37
N PRO B 272 29.39 -7.12 26.51
CA PRO B 272 30.74 -6.56 26.57
C PRO B 272 31.82 -7.56 26.99
N GLY B 273 31.51 -8.85 27.10
CA GLY B 273 32.44 -9.82 27.61
C GLY B 273 33.25 -10.59 26.59
N ILE B 274 32.91 -10.48 25.30
CA ILE B 274 33.62 -11.25 24.28
C ILE B 274 34.97 -10.61 24.01
N LYS B 275 36.03 -11.42 24.04
CA LYS B 275 37.38 -10.99 23.70
C LYS B 275 37.77 -11.59 22.36
N VAL B 276 38.31 -10.75 21.47
CA VAL B 276 38.62 -11.13 20.10
C VAL B 276 40.10 -10.95 19.78
N ARG B 277 40.89 -10.43 20.72
CA ARG B 277 42.26 -10.04 20.40
C ARG B 277 43.11 -11.23 19.98
N GLN B 278 43.01 -12.34 20.71
CA GLN B 278 43.85 -13.50 20.40
C GLN B 278 43.51 -14.07 19.03
N LEU B 279 42.23 -14.22 18.73
CA LEU B 279 41.84 -14.80 17.44
C LEU B 279 42.09 -13.82 16.30
N SER B 280 42.17 -12.52 16.60
CA SER B 280 42.65 -11.56 15.62
C SER B 280 44.15 -11.73 15.38
N LYS B 281 44.91 -12.00 16.45
CA LYS B 281 46.33 -12.28 16.30
C LYS B 281 46.57 -13.54 15.47
N LEU B 282 45.65 -14.50 15.54
CA LEU B 282 45.78 -15.71 14.73
C LEU B 282 45.67 -15.42 13.24
N LEU B 283 45.16 -14.26 12.85
CA LEU B 283 44.93 -13.91 11.45
C LEU B 283 45.79 -12.72 11.02
N ARG B 284 47.07 -12.73 11.39
CA ARG B 284 47.97 -11.69 10.93
C ARG B 284 48.48 -11.94 9.52
N GLY B 285 48.55 -13.21 9.10
CA GLY B 285 49.04 -13.52 7.76
C GLY B 285 47.94 -13.45 6.71
N THR B 286 48.35 -13.16 5.48
CA THR B 286 47.41 -12.96 4.37
C THR B 286 47.24 -14.25 3.58
N LYS B 287 46.82 -15.31 4.28
CA LYS B 287 46.69 -16.62 3.67
C LYS B 287 45.39 -16.74 2.90
N ALA B 288 45.32 -17.77 2.06
CA ALA B 288 44.10 -18.06 1.31
C ALA B 288 43.01 -18.55 2.25
N LEU B 289 41.75 -18.32 1.83
CA LEU B 289 40.62 -18.70 2.66
C LEU B 289 40.56 -20.21 2.86
N THR B 290 40.82 -20.98 1.80
CA THR B 290 40.72 -22.43 1.89
C THR B 290 41.79 -23.02 2.80
N GLU B 291 42.86 -22.27 3.08
CA GLU B 291 43.94 -22.78 3.91
C GLU B 291 43.44 -23.11 5.31
N VAL B 292 43.96 -24.19 5.89
CA VAL B 292 43.50 -24.71 7.17
C VAL B 292 44.42 -24.19 8.27
N ILE B 293 43.83 -23.55 9.28
CA ILE B 293 44.55 -23.07 10.44
C ILE B 293 44.12 -23.92 11.64
N PRO B 294 44.95 -24.84 12.13
CA PRO B 294 44.64 -25.52 13.38
C PRO B 294 44.55 -24.52 14.52
N LEU B 295 43.62 -24.76 15.43
CA LEU B 295 43.43 -23.84 16.55
C LEU B 295 44.51 -24.07 17.62
N THR B 296 44.90 -22.99 18.27
CA THR B 296 45.96 -23.00 19.26
C THR B 296 45.37 -23.05 20.67
N GLU B 297 46.26 -23.11 21.67
CA GLU B 297 45.81 -23.18 23.05
C GLU B 297 45.09 -21.91 23.48
N GLU B 298 45.66 -20.75 23.19
CA GLU B 298 45.02 -19.49 23.53
C GLU B 298 43.72 -19.32 22.75
N ALA B 299 43.71 -19.71 21.48
CA ALA B 299 42.49 -19.63 20.69
C ALA B 299 41.39 -20.50 21.29
N GLU B 300 41.71 -21.73 21.69
CA GLU B 300 40.72 -22.58 22.32
C GLU B 300 40.25 -22.01 23.64
N LEU B 301 41.16 -21.41 24.41
CA LEU B 301 40.78 -20.80 25.69
C LEU B 301 39.77 -19.67 25.46
N GLU B 302 40.08 -18.75 24.55
CA GLU B 302 39.16 -17.64 24.28
C GLU B 302 37.84 -18.16 23.72
N LEU B 303 37.89 -19.15 22.83
CA LEU B 303 36.67 -19.68 22.24
C LEU B 303 35.78 -20.31 23.30
N ALA B 304 36.36 -21.10 24.20
CA ALA B 304 35.57 -21.73 25.25
C ALA B 304 35.00 -20.70 26.22
N GLU B 305 35.80 -19.71 26.61
CA GLU B 305 35.29 -18.68 27.51
C GLU B 305 34.16 -17.90 26.86
N ASN B 306 34.30 -17.57 25.58
CA ASN B 306 33.25 -16.84 24.87
C ASN B 306 32.00 -17.68 24.72
N ARG B 307 32.15 -18.98 24.47
CA ARG B 307 30.98 -19.86 24.38
C ARG B 307 30.27 -19.93 25.73
N GLU B 308 31.04 -19.97 26.82
CA GLU B 308 30.43 -19.94 28.15
C GLU B 308 29.68 -18.63 28.37
N ILE B 309 30.26 -17.51 27.96
CA ILE B 309 29.59 -16.23 28.10
C ILE B 309 28.29 -16.21 27.30
N LEU B 310 28.33 -16.73 26.08
CA LEU B 310 27.12 -16.77 25.24
C LEU B 310 26.06 -17.67 25.84
N LYS B 311 26.47 -18.78 26.46
CA LYS B 311 25.51 -19.61 27.18
C LYS B 311 24.93 -18.86 28.38
N GLU B 312 25.73 -18.03 29.03
CA GLU B 312 25.23 -17.23 30.14
C GLU B 312 24.14 -16.28 29.66
N PRO B 313 22.99 -16.23 30.33
CA PRO B 313 21.87 -15.45 29.80
C PRO B 313 22.14 -13.96 29.82
N VAL B 314 21.42 -13.23 28.95
CA VAL B 314 21.63 -11.81 28.79
C VAL B 314 21.32 -11.09 30.09
N HIS B 315 22.05 -10.01 30.36
CA HIS B 315 21.82 -9.18 31.54
C HIS B 315 21.76 -7.71 31.13
N GLY B 316 21.09 -6.92 31.97
CA GLY B 316 20.86 -5.52 31.70
C GLY B 316 19.63 -5.21 30.88
N VAL B 317 18.86 -6.22 30.49
CA VAL B 317 17.67 -6.03 29.68
C VAL B 317 16.47 -5.87 30.61
N TYR B 318 15.72 -4.79 30.45
CA TYR B 318 14.63 -4.49 31.35
C TYR B 318 13.52 -3.78 30.58
N TYR B 319 12.31 -3.87 31.13
CA TYR B 319 11.15 -3.25 30.51
C TYR B 319 11.04 -1.78 30.92
N ASP B 320 10.55 -0.97 29.99
CA ASP B 320 10.22 0.43 30.27
C ASP B 320 8.78 0.67 29.85
N PRO B 321 7.87 0.98 30.79
CA PRO B 321 6.46 1.08 30.42
C PRO B 321 6.14 2.22 29.45
N SER B 322 7.01 3.21 29.33
CA SER B 322 6.73 4.40 28.53
C SER B 322 7.27 4.31 27.11
N LYS B 323 7.84 3.16 26.72
CA LYS B 323 8.45 3.01 25.41
C LYS B 323 7.72 1.95 24.61
N ASP B 324 7.84 2.05 23.28
CA ASP B 324 7.19 1.11 22.37
C ASP B 324 8.00 -0.17 22.22
N LEU B 325 7.39 -1.16 21.60
CA LEU B 325 8.03 -2.45 21.33
C LEU B 325 8.25 -2.61 19.84
N ILE B 326 9.44 -3.10 19.47
CA ILE B 326 9.84 -3.25 18.08
C ILE B 326 10.15 -4.72 17.83
N ALA B 327 9.54 -5.29 16.79
CA ALA B 327 9.67 -6.70 16.48
C ALA B 327 10.28 -6.87 15.10
N GLU B 328 11.61 -6.89 15.03
CA GLU B 328 12.29 -7.18 13.78
C GLU B 328 12.06 -8.62 13.36
N ILE B 329 12.15 -8.86 12.07
CA ILE B 329 12.05 -10.22 11.52
C ILE B 329 13.10 -10.36 10.43
N GLN B 330 13.79 -11.51 10.43
CA GLN B 330 14.76 -11.84 9.40
C GLN B 330 14.38 -13.16 8.78
N LYS B 331 14.35 -13.22 7.45
CA LYS B 331 14.09 -14.47 6.76
C LYS B 331 15.39 -15.27 6.66
N GLN B 332 15.34 -16.54 7.09
CA GLN B 332 16.54 -17.38 7.13
C GLN B 332 16.48 -18.53 6.15
N GLY B 333 15.55 -18.52 5.20
CA GLY B 333 15.46 -19.57 4.20
C GLY B 333 14.74 -20.80 4.73
N GLN B 334 14.44 -21.70 3.80
CA GLN B 334 13.76 -22.97 4.03
C GLN B 334 12.60 -22.86 5.02
N GLY B 335 11.87 -21.75 4.97
CA GLY B 335 10.78 -21.52 5.88
C GLY B 335 11.18 -21.31 7.33
N GLN B 336 12.27 -20.59 7.57
CA GLN B 336 12.75 -20.28 8.90
C GLN B 336 12.75 -18.77 9.09
N TRP B 337 12.22 -18.31 10.21
CA TRP B 337 12.18 -16.90 10.53
C TRP B 337 12.64 -16.70 11.96
N THR B 338 13.03 -15.45 12.26
CA THR B 338 13.45 -15.10 13.61
C THR B 338 12.74 -13.81 13.99
N TYR B 339 12.90 -13.37 15.23
CA TYR B 339 12.26 -12.17 15.73
C TYR B 339 12.96 -11.69 16.98
N GLN B 340 13.06 -10.40 17.18
CA GLN B 340 13.81 -9.82 18.30
C GLN B 340 13.05 -8.63 18.85
N ILE B 341 12.24 -8.87 19.86
CA ILE B 341 11.47 -7.81 20.51
C ILE B 341 12.40 -7.01 21.41
N TYR B 342 12.38 -5.69 21.26
CA TYR B 342 13.21 -4.84 22.13
C TYR B 342 12.61 -3.44 22.19
N GLN B 343 13.17 -2.63 23.10
CA GLN B 343 12.82 -1.23 23.23
C GLN B 343 14.00 -0.29 22.98
N GLU B 344 15.23 -0.77 23.10
CA GLU B 344 16.44 -0.01 22.84
C GLU B 344 17.36 -0.91 22.02
N PRO B 345 17.99 -0.37 20.95
CA PRO B 345 18.51 -1.26 19.90
C PRO B 345 19.51 -2.32 20.36
N PHE B 346 20.04 -2.23 21.57
CA PHE B 346 20.96 -3.25 22.06
C PHE B 346 20.32 -4.23 23.03
N LYS B 347 19.45 -3.76 23.92
CA LYS B 347 18.88 -4.61 24.97
C LYS B 347 17.67 -5.35 24.42
N ASN B 348 17.94 -6.50 23.80
CA ASN B 348 16.87 -7.35 23.30
C ASN B 348 16.07 -7.93 24.47
N LEU B 349 14.75 -7.95 24.34
CA LEU B 349 13.91 -8.51 25.40
C LEU B 349 13.72 -10.00 25.23
N LYS B 350 13.15 -10.41 24.09
CA LYS B 350 12.88 -11.82 23.84
C LYS B 350 13.13 -12.11 22.36
N THR B 351 14.15 -12.91 22.10
CA THR B 351 14.42 -13.39 20.74
C THR B 351 13.54 -14.61 20.47
N GLY B 352 13.81 -15.31 19.38
CA GLY B 352 13.04 -16.49 19.08
C GLY B 352 13.29 -16.97 17.67
N LYS B 353 12.41 -17.86 17.22
CA LYS B 353 12.48 -18.45 15.90
C LYS B 353 11.16 -19.14 15.61
N TYR B 354 10.62 -18.92 14.42
CA TYR B 354 9.36 -19.54 14.01
C TYR B 354 9.67 -20.56 12.92
N ALA B 355 9.48 -21.82 13.23
CA ALA B 355 9.72 -22.86 12.25
C ALA B 355 8.60 -22.89 11.22
N ARG B 356 8.80 -23.70 10.18
CA ARG B 356 7.83 -23.80 9.11
C ARG B 356 6.54 -24.43 9.61
N MET B 357 5.43 -24.09 8.93
CA MET B 357 4.14 -24.72 9.16
C MET B 357 3.75 -25.55 7.94
N ARG B 358 2.55 -26.11 7.97
CA ARG B 358 2.05 -26.96 6.92
C ARG B 358 0.98 -26.23 6.12
N GLY B 359 1.07 -26.31 4.80
CA GLY B 359 0.18 -25.62 3.91
C GLY B 359 0.73 -24.32 3.35
N ALA B 360 1.76 -23.75 3.99
CA ALA B 360 2.39 -22.53 3.54
C ALA B 360 3.81 -22.76 3.05
N HIS B 361 4.12 -24.00 2.65
CA HIS B 361 5.47 -24.35 2.23
C HIS B 361 5.89 -23.68 0.93
N THR B 362 4.96 -23.04 0.22
CA THR B 362 5.25 -22.34 -1.02
C THR B 362 4.65 -20.94 -1.00
N ASN B 363 4.62 -20.30 0.17
CA ASN B 363 3.95 -19.01 0.31
C ASN B 363 4.66 -18.20 1.39
N ASP B 364 5.57 -17.33 0.95
CA ASP B 364 6.31 -16.51 1.90
C ASP B 364 5.43 -15.47 2.56
N VAL B 365 4.48 -14.89 1.82
CA VAL B 365 3.55 -13.94 2.43
C VAL B 365 2.72 -14.62 3.50
N LYS B 366 2.24 -15.84 3.22
CA LYS B 366 1.48 -16.59 4.22
C LYS B 366 2.33 -16.86 5.45
N GLN B 367 3.57 -17.32 5.25
CA GLN B 367 4.43 -17.62 6.38
C GLN B 367 4.69 -16.38 7.22
N LEU B 368 4.93 -15.24 6.58
CA LEU B 368 5.12 -14.00 7.32
C LEU B 368 3.85 -13.62 8.07
N THR B 369 2.68 -13.91 7.50
CA THR B 369 1.42 -13.59 8.18
C THR B 369 1.29 -14.41 9.46
N GLU B 370 1.55 -15.71 9.37
CA GLU B 370 1.48 -16.57 10.54
C GLU B 370 2.51 -16.13 11.58
N ALA B 371 3.69 -15.75 11.13
CA ALA B 371 4.73 -15.28 12.05
C ALA B 371 4.28 -14.02 12.77
N VAL B 372 3.64 -13.09 12.04
CA VAL B 372 3.13 -11.87 12.65
C VAL B 372 2.10 -12.20 13.72
N GLN B 373 1.16 -13.09 13.41
CA GLN B 373 0.13 -13.45 14.37
C GLN B 373 0.72 -14.09 15.61
N LYS B 374 1.66 -15.02 15.42
CA LYS B 374 2.27 -15.69 16.58
C LYS B 374 3.15 -14.79 17.44
N ILE B 375 3.75 -13.78 16.82
CA ILE B 375 4.57 -12.84 17.56
C ILE B 375 3.65 -11.94 18.37
N THR B 376 2.59 -11.45 17.73
CA THR B 376 1.73 -10.51 18.42
C THR B 376 1.08 -11.24 19.60
N THR B 377 0.53 -12.43 19.37
CA THR B 377 -0.12 -13.15 20.47
C THR B 377 0.84 -13.34 21.63
N GLU B 378 2.06 -13.76 21.32
CA GLU B 378 3.07 -13.94 22.37
C GLU B 378 3.28 -12.65 23.13
N SER B 379 3.49 -11.54 22.42
CA SER B 379 3.81 -10.29 23.10
C SER B 379 2.63 -9.77 23.91
N ILE B 380 1.40 -9.98 23.43
CA ILE B 380 0.24 -9.60 24.24
C ILE B 380 0.23 -10.39 25.54
N VAL B 381 0.42 -11.70 25.46
CA VAL B 381 0.43 -12.51 26.67
C VAL B 381 1.54 -12.07 27.62
N ILE B 382 2.73 -11.82 27.08
CA ILE B 382 3.87 -11.51 27.93
C ILE B 382 3.73 -10.14 28.58
N TRP B 383 3.38 -9.12 27.81
CA TRP B 383 3.43 -7.76 28.35
C TRP B 383 2.11 -7.00 28.20
N GLY B 384 1.38 -7.25 27.12
CA GLY B 384 0.15 -6.52 26.88
C GLY B 384 0.14 -5.30 25.99
N LYS B 385 1.30 -4.92 25.45
CA LYS B 385 1.43 -4.01 24.33
C LYS B 385 1.95 -4.75 23.11
N THR B 386 1.23 -4.65 22.00
CA THR B 386 1.66 -5.26 20.76
C THR B 386 2.88 -4.50 20.21
N PRO B 387 3.81 -5.20 19.56
CA PRO B 387 5.03 -4.55 19.08
C PRO B 387 4.87 -3.93 17.70
N LYS B 388 5.65 -2.87 17.46
CA LYS B 388 5.65 -2.17 16.19
C LYS B 388 6.54 -2.94 15.22
N PHE B 389 5.93 -3.65 14.27
CA PHE B 389 6.65 -4.56 13.41
C PHE B 389 7.60 -3.82 12.47
N LYS B 390 8.60 -4.56 11.98
CA LYS B 390 9.48 -4.11 10.89
C LYS B 390 9.56 -5.24 9.87
N LEU B 391 8.59 -5.29 8.98
CA LEU B 391 8.40 -6.46 8.12
C LEU B 391 9.43 -6.47 6.99
N PRO B 392 10.01 -7.62 6.69
CA PRO B 392 10.89 -7.75 5.49
C PRO B 392 10.12 -8.22 4.27
N ILE B 393 9.24 -7.35 3.76
CA ILE B 393 8.41 -7.66 2.61
C ILE B 393 8.20 -6.38 1.81
N GLN B 394 7.70 -6.55 0.59
CA GLN B 394 7.40 -5.41 -0.27
C GLN B 394 6.04 -4.84 0.13
N LYS B 395 5.97 -3.52 0.26
CA LYS B 395 4.77 -2.89 0.82
C LYS B 395 3.55 -3.18 -0.03
N GLU B 396 3.70 -3.13 -1.36
CA GLU B 396 2.54 -3.26 -2.23
C GLU B 396 2.00 -4.68 -2.23
N THR B 397 2.87 -5.69 -2.30
CA THR B 397 2.40 -7.07 -2.21
C THR B 397 1.84 -7.38 -0.83
N TRP B 398 2.40 -6.78 0.21
CA TRP B 398 1.85 -6.96 1.55
C TRP B 398 0.43 -6.40 1.61
N GLU B 399 0.24 -5.15 1.19
CA GLU B 399 -1.08 -4.55 1.23
C GLU B 399 -2.06 -5.30 0.34
N THR B 400 -1.56 -5.96 -0.70
CA THR B 400 -2.43 -6.72 -1.60
C THR B 400 -2.75 -8.12 -1.08
N TRP B 401 -1.81 -8.76 -0.39
CA TRP B 401 -2.03 -10.15 0.02
C TRP B 401 -2.09 -10.50 1.51
N TRP B 402 -2.00 -9.54 2.41
CA TRP B 402 -2.00 -9.92 3.82
C TRP B 402 -3.38 -10.32 4.31
N THR B 403 -4.44 -9.81 3.69
CA THR B 403 -5.79 -10.11 4.13
C THR B 403 -6.14 -11.58 3.95
N GLU B 404 -5.75 -12.17 2.83
CA GLU B 404 -6.24 -13.50 2.47
C GLU B 404 -5.75 -14.60 3.40
N TYR B 405 -4.76 -14.33 4.25
CA TYR B 405 -4.26 -15.30 5.19
C TYR B 405 -4.28 -14.82 6.63
N TRP B 406 -4.77 -13.60 6.88
CA TRP B 406 -4.88 -13.06 8.22
C TRP B 406 -6.16 -13.56 8.87
N GLN B 407 -6.07 -14.00 10.12
CA GLN B 407 -7.23 -14.54 10.81
C GLN B 407 -7.32 -14.05 12.26
N ALA B 408 -6.66 -12.96 12.60
CA ALA B 408 -6.78 -12.37 13.93
C ALA B 408 -7.91 -11.35 13.92
N THR B 409 -8.01 -10.55 14.98
CA THR B 409 -9.01 -9.49 15.05
C THR B 409 -8.44 -8.16 15.50
N TRP B 410 -7.11 -8.02 15.50
CA TRP B 410 -6.48 -6.76 15.85
C TRP B 410 -5.26 -6.58 14.96
N ILE B 411 -4.90 -5.33 14.70
CA ILE B 411 -3.89 -5.00 13.72
C ILE B 411 -2.80 -4.18 14.39
N PRO B 412 -1.52 -4.66 14.33
CA PRO B 412 -0.51 -3.78 14.91
C PRO B 412 -0.01 -2.75 13.92
N GLU B 413 0.86 -1.87 14.37
CA GLU B 413 1.43 -0.83 13.53
C GLU B 413 2.76 -1.30 13.01
N TRP B 414 2.89 -1.44 11.70
CA TRP B 414 4.11 -1.93 11.07
C TRP B 414 4.75 -0.89 10.15
N GLU B 415 6.08 -0.93 10.12
CA GLU B 415 6.91 -0.17 9.21
C GLU B 415 7.75 -1.15 8.40
N PHE B 416 8.00 -0.84 7.13
CA PHE B 416 8.77 -1.72 6.29
C PHE B 416 10.22 -1.26 6.19
N VAL B 417 11.10 -2.22 5.92
CA VAL B 417 12.53 -1.96 5.77
C VAL B 417 12.99 -2.56 4.44
N ASN B 418 13.85 -1.83 3.74
CA ASN B 418 14.33 -2.23 2.43
C ASN B 418 15.84 -2.44 2.35
N THR B 419 16.55 -2.09 3.42
CA THR B 419 18.00 -2.31 3.47
C THR B 419 18.28 -3.71 4.00
N PRO B 420 19.09 -4.49 3.28
CA PRO B 420 19.38 -5.87 3.69
C PRO B 420 20.19 -6.03 4.99
N PRO B 421 19.70 -6.81 6.01
CA PRO B 421 20.58 -6.97 7.18
C PRO B 421 21.82 -7.78 6.82
N LEU B 422 21.71 -8.72 5.89
CA LEU B 422 22.84 -9.56 5.48
C LEU B 422 23.54 -10.14 6.70
N VAL B 423 22.76 -10.85 7.52
CA VAL B 423 23.25 -11.46 8.74
C VAL B 423 22.71 -12.88 8.85
N LYS B 424 23.59 -13.83 9.14
CA LYS B 424 23.21 -15.13 9.68
C LYS B 424 23.63 -15.27 11.14
N LEU B 425 23.76 -14.13 11.83
CA LEU B 425 24.16 -14.15 13.23
C LEU B 425 23.14 -14.89 14.08
N TRP B 426 21.85 -14.77 13.74
CA TRP B 426 20.81 -15.38 14.55
C TRP B 426 20.47 -16.79 14.10
N TYR B 427 20.83 -17.12 12.85
CA TYR B 427 20.54 -18.46 12.33
C TYR B 427 21.59 -19.46 12.75
N GLN B 428 21.19 -20.42 13.57
CA GLN B 428 22.11 -21.46 14.02
C GLN B 428 21.87 -22.76 13.25
N1 OMC C 7 -11.97 18.67 -9.80
C2 OMC C 7 -12.27 18.05 -11.03
N3 OMC C 7 -11.65 18.46 -12.16
C4 OMC C 7 -10.74 19.45 -12.12
C5 OMC C 7 -10.44 20.07 -10.93
C6 OMC C 7 -11.07 19.66 -9.76
O2 OMC C 7 -13.11 17.13 -11.08
N4 OMC C 7 -10.13 19.84 -13.27
C1' OMC C 7 -12.64 18.22 -8.56
C2' OMC C 7 -11.93 16.98 -8.05
O2' OMC C 7 -12.88 16.06 -7.50
CM2 OMC C 7 -13.74 15.51 -8.49
C3' OMC C 7 -11.05 17.49 -6.93
C4' OMC C 7 -11.88 18.64 -6.36
O4' OMC C 7 -12.48 19.24 -7.52
O3' OMC C 7 -10.71 16.48 -5.96
C5' OMC C 7 -11.02 19.65 -5.64
O5' OMC C 7 -10.11 20.26 -6.54
P OMC C 7 -9.60 21.76 -6.25
OP1 OMC C 7 -9.26 21.85 -4.78
OP2 OMC C 7 -8.54 22.14 -7.27
N1 OMC C 9 -7.38 9.92 -12.25
C2 OMC C 9 -6.93 10.28 -13.53
N3 OMC C 9 -6.32 11.47 -13.67
C4 OMC C 9 -6.14 12.29 -12.66
C5 OMC C 9 -6.59 11.96 -11.34
C6 OMC C 9 -7.19 10.77 -11.21
O2 OMC C 9 -7.11 9.52 -14.47
N4 OMC C 9 -5.53 13.45 -12.87
C1' OMC C 9 -8.06 8.63 -11.99
C2' OMC C 9 -7.12 7.44 -12.16
O2' OMC C 9 -7.90 6.31 -12.53
CM2 OMC C 9 -8.06 6.15 -13.92
C3' OMC C 9 -6.58 7.27 -10.75
C4' OMC C 9 -7.81 7.58 -9.91
O4' OMC C 9 -8.54 8.58 -10.68
O3' OMC C 9 -6.03 6.00 -10.48
C5' OMC C 9 -7.56 8.09 -8.52
O5' OMC C 9 -7.11 9.44 -8.52
P OMC C 9 -7.44 10.41 -7.31
OP1 OMC C 9 -7.21 9.65 -6.01
OP2 OMC C 9 -6.72 11.72 -7.54
C02 4OI D . -17.60 14.86 -17.73
C03 4OI D . -17.05 16.33 -17.62
C04 4OI D . -15.57 16.58 -17.77
C05 4OI D . -16.12 16.73 -16.37
C06 4OI D . -15.96 17.99 -15.52
C07 4OI D . -15.02 18.99 -15.85
C08 4OI D . -14.86 20.14 -15.09
C09 4OI D . -15.63 20.32 -13.94
C11 4OI D . -16.67 18.28 -14.35
C13 4OI D . -17.10 14.37 -20.23
C14 4OI D . -17.09 15.62 -20.86
C17 4OI D . -16.50 13.50 -21.23
N10 4OI D . -16.54 19.38 -13.57
N12 4OI D . -17.59 14.03 -18.92
N15 4OI D . -16.52 15.50 -22.14
N16 4OI D . -16.16 14.20 -22.36
O01 4OI D . -18.09 14.37 -16.74
#